data_3O3L
#
_entry.id   3O3L
#
_cell.length_a   46.130
_cell.length_b   136.950
_cell.length_c   79.910
_cell.angle_alpha   90.000
_cell.angle_beta   102.950
_cell.angle_gamma   90.000
#
_symmetry.space_group_name_H-M   'P 1 21 1'
#
loop_
_entity.id
_entity.type
_entity.pdbx_description
1 polymer 'Myo-inositol hexaphosphate phosphohydrolase'
2 non-polymer 'ACETATE ION'
3 non-polymer GLYCEROL
4 non-polymer INOSITOL-(1,3,4,5)-TETRAKISPHOSPHATE
5 non-polymer 'CHLORIDE ION'
6 water water
#
_entity_poly.entity_id   1
_entity_poly.type   'polypeptide(L)'
_entity_poly.pdbx_seq_one_letter_code
;MGSSHHHHHHSSGLVPRGSHMAKAPEQTVTEPVGSYARAERPQDFEGFVWRLDNDGKEALPRNFRTSADALRAPEKKFHL
DAAYVPSREGMDALHISGSSAFTPAQLKNVAAKLREKTAGPIYDVDLRQESHGYLDGIPVSWYGERDWANLGKSQHEALA
DERHRLHAALHKTVYIAPLGKHKLPEGGEVRRVQKVQTEQEVAEAAGMRYFRIAATDHVWPTPENIDRFLAFYRTLPQDA
WLHFHSEAGVGRTTAFMVMTDMLKNPSVSLKDILYRQHEIGGFYYGEFPIKTKDKDSWKTKYYREKIVMIEQFYRYVQEN
RADGYQTPWSVWLKSHPAKA
;
_entity_poly.pdbx_strand_id   A,B
#
loop_
_chem_comp.id
_chem_comp.type
_chem_comp.name
_chem_comp.formula
4IP non-polymer INOSITOL-(1,3,4,5)-TETRAKISPHOSPHATE 'C6 H16 O18 P4'
ACT non-polymer 'ACETATE ION' 'C2 H3 O2 -1'
CL non-polymer 'CHLORIDE ION' 'Cl -1'
GOL non-polymer GLYCEROL 'C3 H8 O3'
#
# COMPACT_ATOMS: atom_id res chain seq x y z
N GLU A 26 -10.52 35.19 25.09
CA GLU A 26 -10.71 36.66 25.07
C GLU A 26 -11.69 37.06 23.97
N GLN A 27 -11.21 37.90 23.05
CA GLN A 27 -12.00 38.44 21.94
C GLN A 27 -11.71 37.75 20.60
N THR A 28 -10.43 37.60 20.28
CA THR A 28 -10.04 36.98 19.02
C THR A 28 -10.34 35.48 18.90
N VAL A 29 -10.92 35.11 17.76
CA VAL A 29 -11.27 33.72 17.47
C VAL A 29 -10.19 33.18 16.54
N THR A 30 -9.71 31.96 16.80
CA THR A 30 -8.65 31.38 15.99
C THR A 30 -9.11 30.89 14.60
N GLU A 31 -10.24 30.18 14.55
CA GLU A 31 -10.77 29.72 13.25
C GLU A 31 -12.27 30.01 13.24
N PRO A 32 -12.75 30.79 12.27
CA PRO A 32 -14.17 31.13 12.17
C PRO A 32 -14.98 29.94 11.64
N VAL A 33 -16.29 30.00 11.83
CA VAL A 33 -17.17 28.94 11.32
C VAL A 33 -16.99 28.95 9.79
N GLY A 34 -16.92 27.76 9.21
CA GLY A 34 -16.67 27.64 7.79
C GLY A 34 -15.19 27.30 7.55
N SER A 35 -14.36 27.47 8.59
CA SER A 35 -12.93 27.15 8.47
C SER A 35 -12.45 26.18 9.56
N TYR A 36 -13.35 25.40 10.15
CA TYR A 36 -12.94 24.47 11.19
C TYR A 36 -11.75 23.61 10.77
N ALA A 37 -11.78 23.10 9.55
CA ALA A 37 -10.73 22.20 9.07
C ALA A 37 -9.32 22.78 9.16
N ARG A 38 -9.22 24.11 9.21
CA ARG A 38 -7.91 24.75 9.30
C ARG A 38 -7.26 24.40 10.65
N ALA A 39 -8.05 23.95 11.62
CA ALA A 39 -7.46 23.62 12.93
C ALA A 39 -6.84 22.23 12.95
N GLU A 40 -7.13 21.40 11.93
CA GLU A 40 -6.57 20.04 11.88
C GLU A 40 -5.11 20.11 11.39
N ARG A 41 -4.30 19.14 11.78
CA ARG A 41 -2.87 19.09 11.46
C ARG A 41 -2.62 18.26 10.20
N PRO A 42 -2.25 18.90 9.08
CA PRO A 42 -2.01 18.17 7.82
C PRO A 42 -1.03 17.01 7.94
N GLN A 43 0.03 17.17 8.76
CA GLN A 43 1.04 16.12 8.92
C GLN A 43 0.47 14.83 9.43
N ASP A 44 -0.70 14.87 10.03
CA ASP A 44 -1.29 13.64 10.54
C ASP A 44 -2.18 12.91 9.54
N PHE A 45 -2.23 13.39 8.30
CA PHE A 45 -3.10 12.74 7.31
C PHE A 45 -2.40 12.57 5.95
N GLU A 46 -1.07 12.45 5.96
CA GLU A 46 -0.35 12.31 4.69
C GLU A 46 -0.72 11.08 3.86
N GLY A 47 -0.64 11.23 2.54
CA GLY A 47 -1.01 10.16 1.64
C GLY A 47 -0.10 8.95 1.80
N PHE A 48 -0.66 7.76 1.61
CA PHE A 48 0.14 6.55 1.74
C PHE A 48 -0.17 5.45 0.70
N VAL A 49 -1.20 5.63 -0.13
CA VAL A 49 -1.51 4.60 -1.13
C VAL A 49 -2.31 5.18 -2.31
N TRP A 50 -2.13 4.58 -3.48
CA TRP A 50 -2.86 4.96 -4.71
C TRP A 50 -4.18 4.24 -4.57
N ARG A 51 -5.21 4.97 -4.22
CA ARG A 51 -6.54 4.41 -4.06
C ARG A 51 -7.25 4.31 -5.42
N LEU A 52 -7.95 3.21 -5.66
CA LEU A 52 -8.71 2.99 -6.91
C LEU A 52 -10.00 3.84 -6.82
N ASP A 53 -10.17 4.83 -7.70
CA ASP A 53 -11.34 5.72 -7.64
C ASP A 53 -12.61 5.13 -8.27
N ASN A 54 -12.45 4.25 -9.25
CA ASN A 54 -13.61 3.61 -9.88
C ASN A 54 -13.14 2.30 -10.51
N ASP A 55 -13.84 1.20 -10.27
CA ASP A 55 -13.43 -0.07 -10.85
C ASP A 55 -13.77 -0.24 -12.35
N GLY A 56 -14.40 0.77 -12.95
CA GLY A 56 -14.70 0.69 -14.38
C GLY A 56 -15.72 -0.32 -14.87
N LYS A 57 -16.42 -1.01 -13.96
CA LYS A 57 -17.39 -2.00 -14.39
C LYS A 57 -18.67 -1.47 -15.05
N GLU A 58 -19.16 -0.30 -14.64
CA GLU A 58 -20.38 0.27 -15.20
C GLU A 58 -20.10 1.25 -16.33
N ALA A 59 -21.11 1.48 -17.16
CA ALA A 59 -20.99 2.39 -18.28
C ALA A 59 -20.86 3.83 -17.77
N LEU A 60 -21.47 4.10 -16.62
CA LEU A 60 -21.43 5.45 -16.06
C LEU A 60 -20.87 5.53 -14.64
N PRO A 61 -20.44 6.74 -14.21
CA PRO A 61 -19.93 6.90 -12.84
C PRO A 61 -21.14 6.74 -11.93
N ARG A 62 -20.89 6.56 -10.63
N ARG A 62 -20.89 6.55 -10.63
CA ARG A 62 -21.95 6.43 -9.63
CA ARG A 62 -21.97 6.40 -9.66
C ARG A 62 -22.57 7.79 -9.33
C ARG A 62 -22.58 7.77 -9.35
N ASN A 63 -23.81 7.77 -8.83
CA ASN A 63 -24.51 9.00 -8.47
C ASN A 63 -24.64 10.01 -9.59
N PHE A 64 -24.72 9.52 -10.81
CA PHE A 64 -24.83 10.40 -11.96
C PHE A 64 -26.24 10.97 -12.00
N ARG A 65 -26.37 12.28 -12.16
CA ARG A 65 -27.70 12.87 -12.25
C ARG A 65 -27.59 14.25 -12.90
N THR A 66 -28.69 14.72 -13.50
CA THR A 66 -28.69 16.03 -14.13
C THR A 66 -29.87 16.85 -13.61
N SER A 67 -29.82 18.16 -13.78
CA SER A 67 -30.92 19.01 -13.34
C SER A 67 -32.20 18.82 -14.18
N ALA A 68 -32.13 18.01 -15.23
CA ALA A 68 -33.31 17.76 -16.05
C ALA A 68 -34.05 16.56 -15.49
N ASP A 69 -33.47 15.89 -14.49
CA ASP A 69 -34.07 14.67 -13.97
C ASP A 69 -35.31 14.85 -13.12
N ALA A 70 -36.08 13.76 -13.02
CA ALA A 70 -37.30 13.74 -12.21
C ALA A 70 -36.90 13.67 -10.74
N LEU A 71 -37.68 14.27 -9.85
CA LEU A 71 -37.32 14.16 -8.44
C LEU A 71 -37.83 12.79 -7.93
N ARG A 72 -37.07 12.17 -7.03
CA ARG A 72 -37.44 10.89 -6.45
C ARG A 72 -37.75 11.13 -4.96
N ALA A 73 -38.21 10.08 -4.28
CA ALA A 73 -38.54 10.15 -2.87
C ALA A 73 -37.27 10.49 -2.07
N PRO A 74 -37.41 11.23 -0.97
CA PRO A 74 -36.22 11.58 -0.18
C PRO A 74 -35.66 10.38 0.58
N GLU A 75 -34.39 10.46 0.97
CA GLU A 75 -33.79 9.37 1.71
C GLU A 75 -34.29 9.44 3.16
N LYS A 76 -34.65 8.30 3.71
CA LYS A 76 -35.17 8.22 5.08
C LYS A 76 -34.32 8.89 6.14
N LYS A 77 -33.00 8.71 6.04
CA LYS A 77 -32.10 9.27 7.04
C LYS A 77 -32.19 10.77 7.22
N PHE A 78 -32.69 11.47 6.21
CA PHE A 78 -32.78 12.93 6.32
C PHE A 78 -34.07 13.41 6.97
N HIS A 79 -34.97 12.48 7.27
CA HIS A 79 -36.25 12.82 7.91
C HIS A 79 -36.96 13.98 7.28
N LEU A 80 -37.18 13.90 5.97
CA LEU A 80 -37.84 14.99 5.26
C LEU A 80 -39.30 14.67 5.00
N ASP A 81 -40.04 15.65 4.50
CA ASP A 81 -41.45 15.50 4.18
C ASP A 81 -41.57 14.90 2.75
N ALA A 82 -41.86 13.62 2.67
CA ALA A 82 -42.00 12.92 1.39
C ALA A 82 -43.18 13.41 0.56
N ALA A 83 -44.14 14.09 1.19
CA ALA A 83 -45.30 14.59 0.47
C ALA A 83 -44.99 15.92 -0.20
N TYR A 84 -43.98 16.62 0.30
CA TYR A 84 -43.62 17.93 -0.23
C TYR A 84 -43.22 17.87 -1.74
N VAL A 85 -43.71 18.83 -2.52
CA VAL A 85 -43.43 18.93 -3.93
C VAL A 85 -42.63 20.21 -4.16
N PRO A 86 -41.30 20.08 -4.28
CA PRO A 86 -40.43 21.24 -4.47
C PRO A 86 -40.73 21.89 -5.80
N SER A 87 -40.51 23.19 -5.88
CA SER A 87 -40.68 23.90 -7.14
C SER A 87 -39.54 23.46 -8.10
N ARG A 88 -39.84 23.33 -9.38
N ARG A 88 -39.83 23.35 -9.38
CA ARG A 88 -38.81 22.98 -10.37
CA ARG A 88 -38.83 22.98 -10.37
C ARG A 88 -38.43 24.24 -11.14
C ARG A 88 -38.47 24.24 -11.16
N GLU A 89 -38.92 25.39 -10.68
CA GLU A 89 -38.62 26.65 -11.35
C GLU A 89 -37.13 26.80 -11.65
N GLY A 90 -36.78 26.96 -12.92
CA GLY A 90 -35.38 27.10 -13.30
C GLY A 90 -34.58 25.83 -13.56
N MET A 91 -35.13 24.66 -13.20
N MET A 91 -35.16 24.68 -13.22
CA MET A 91 -34.36 23.43 -13.41
CA MET A 91 -34.48 23.39 -13.41
C MET A 91 -34.05 23.09 -14.87
C MET A 91 -34.08 23.10 -14.84
N ASP A 92 -35.01 23.27 -15.76
CA ASP A 92 -34.77 22.95 -17.17
C ASP A 92 -33.70 23.83 -17.80
N ALA A 93 -33.55 25.04 -17.30
CA ALA A 93 -32.53 25.95 -17.80
C ALA A 93 -31.22 25.85 -16.97
N LEU A 94 -31.26 25.17 -15.83
CA LEU A 94 -30.10 25.09 -14.93
C LEU A 94 -28.83 24.53 -15.61
N HIS A 95 -28.97 23.43 -16.32
CA HIS A 95 -27.88 22.80 -17.08
C HIS A 95 -26.66 22.39 -16.22
N ILE A 96 -26.90 21.58 -15.20
CA ILE A 96 -25.80 21.06 -14.39
C ILE A 96 -26.01 19.57 -14.15
N SER A 97 -24.93 18.86 -13.80
CA SER A 97 -24.99 17.43 -13.51
C SER A 97 -23.92 17.13 -12.47
N GLY A 98 -23.96 15.94 -11.90
CA GLY A 98 -22.98 15.60 -10.88
C GLY A 98 -22.73 14.11 -10.95
N SER A 99 -21.59 13.65 -10.43
CA SER A 99 -21.29 12.24 -10.41
C SER A 99 -20.04 11.99 -9.58
N SER A 100 -19.75 10.70 -9.40
CA SER A 100 -18.56 10.24 -8.72
C SER A 100 -17.41 10.36 -9.72
N ALA A 101 -16.25 9.87 -9.29
CA ALA A 101 -15.05 9.87 -10.13
C ALA A 101 -15.33 8.82 -11.21
N PHE A 102 -14.55 8.84 -12.28
CA PHE A 102 -14.82 7.95 -13.41
C PHE A 102 -13.59 7.50 -14.17
N THR A 103 -13.75 6.41 -14.93
CA THR A 103 -12.67 5.98 -15.82
C THR A 103 -12.85 6.85 -17.07
N PRO A 104 -11.83 6.87 -17.94
CA PRO A 104 -11.94 7.68 -19.15
C PRO A 104 -13.14 7.22 -19.99
N ALA A 105 -13.37 5.90 -20.10
CA ALA A 105 -14.52 5.41 -20.90
C ALA A 105 -15.85 5.92 -20.31
N GLN A 106 -15.96 5.96 -18.98
CA GLN A 106 -17.18 6.45 -18.35
C GLN A 106 -17.35 7.94 -18.63
N LEU A 107 -16.24 8.70 -18.61
CA LEU A 107 -16.39 10.14 -18.89
C LEU A 107 -16.89 10.33 -20.31
N LYS A 108 -16.39 9.53 -21.25
CA LYS A 108 -16.86 9.68 -22.65
C LYS A 108 -18.36 9.41 -22.71
N ASN A 109 -18.83 8.41 -21.98
CA ASN A 109 -20.27 8.10 -21.93
C ASN A 109 -21.07 9.25 -21.33
N VAL A 110 -20.51 9.89 -20.29
CA VAL A 110 -21.18 11.04 -19.68
C VAL A 110 -21.22 12.19 -20.71
N ALA A 111 -20.10 12.45 -21.37
CA ALA A 111 -20.07 13.56 -22.30
C ALA A 111 -21.08 13.35 -23.47
N ALA A 112 -21.16 12.13 -23.97
CA ALA A 112 -22.09 11.85 -25.06
C ALA A 112 -23.51 12.10 -24.58
N LYS A 113 -23.79 11.69 -23.35
CA LYS A 113 -25.11 11.85 -22.75
C LYS A 113 -25.46 13.33 -22.61
N LEU A 114 -24.55 14.10 -22.05
CA LEU A 114 -24.80 15.53 -21.87
C LEU A 114 -24.93 16.27 -23.21
N ARG A 115 -24.22 15.84 -24.26
CA ARG A 115 -24.32 16.53 -25.55
C ARG A 115 -25.74 16.40 -26.15
N GLU A 116 -26.50 15.40 -25.74
CA GLU A 116 -27.87 15.26 -26.24
C GLU A 116 -28.75 16.36 -25.60
N LYS A 117 -28.26 16.97 -24.53
CA LYS A 117 -29.04 17.99 -23.81
C LYS A 117 -28.64 19.42 -24.07
N THR A 118 -27.55 19.64 -24.80
CA THR A 118 -27.12 21.02 -24.98
C THR A 118 -26.19 21.15 -26.16
N ALA A 119 -26.07 22.36 -26.68
CA ALA A 119 -25.16 22.63 -27.80
C ALA A 119 -24.10 23.59 -27.31
N GLY A 120 -24.06 23.83 -26.00
CA GLY A 120 -23.06 24.72 -25.42
C GLY A 120 -21.80 23.99 -24.95
N PRO A 121 -20.80 24.72 -24.45
CA PRO A 121 -19.60 23.99 -23.98
C PRO A 121 -19.95 23.18 -22.72
N ILE A 122 -19.42 21.97 -22.65
CA ILE A 122 -19.65 21.11 -21.50
C ILE A 122 -18.37 21.08 -20.62
N TYR A 123 -18.50 21.46 -19.34
CA TYR A 123 -17.33 21.50 -18.46
C TYR A 123 -17.22 20.35 -17.47
N ASP A 124 -16.02 19.80 -17.36
CA ASP A 124 -15.76 18.79 -16.33
C ASP A 124 -15.27 19.66 -15.16
N VAL A 125 -16.12 19.88 -14.14
CA VAL A 125 -15.71 20.68 -12.99
C VAL A 125 -15.23 19.70 -11.89
N ASP A 126 -13.91 19.55 -11.81
CA ASP A 126 -13.20 18.63 -10.90
C ASP A 126 -13.08 19.29 -9.55
N LEU A 127 -13.81 18.82 -8.55
CA LEU A 127 -13.78 19.47 -7.23
C LEU A 127 -12.84 18.80 -6.20
N ARG A 128 -11.91 17.99 -6.70
CA ARG A 128 -11.03 17.23 -5.81
C ARG A 128 -9.70 17.84 -5.43
N GLN A 129 -9.52 18.11 -4.14
CA GLN A 129 -8.22 18.64 -3.67
C GLN A 129 -7.20 17.51 -3.67
N GLU A 130 -7.64 16.28 -3.38
CA GLU A 130 -6.67 15.19 -3.34
C GLU A 130 -6.02 15.02 -4.71
N SER A 131 -4.75 14.65 -4.72
CA SER A 131 -4.03 14.43 -6.00
C SER A 131 -4.56 13.18 -6.65
N HIS A 132 -4.94 13.29 -7.92
CA HIS A 132 -5.50 12.13 -8.61
C HIS A 132 -5.18 12.23 -10.09
N GLY A 133 -5.38 11.12 -10.79
CA GLY A 133 -5.11 11.09 -12.21
C GLY A 133 -5.43 9.70 -12.76
N TYR A 134 -4.70 9.31 -13.80
CA TYR A 134 -4.93 8.03 -14.46
C TYR A 134 -3.60 7.37 -14.77
N LEU A 135 -3.47 6.13 -14.30
CA LEU A 135 -2.29 5.32 -14.52
C LEU A 135 -2.76 4.16 -15.41
N ASP A 136 -2.22 4.11 -16.62
CA ASP A 136 -2.67 3.08 -17.57
C ASP A 136 -4.20 3.16 -17.69
N GLY A 137 -4.75 4.38 -17.70
CA GLY A 137 -6.20 4.54 -17.83
C GLY A 137 -7.04 4.28 -16.59
N ILE A 138 -6.41 3.85 -15.50
CA ILE A 138 -7.11 3.55 -14.25
C ILE A 138 -7.17 4.81 -13.37
N PRO A 139 -8.37 5.26 -12.98
CA PRO A 139 -8.52 6.46 -12.14
C PRO A 139 -8.07 6.16 -10.71
N VAL A 140 -7.07 6.92 -10.25
CA VAL A 140 -6.51 6.74 -8.91
C VAL A 140 -6.29 8.06 -8.18
N SER A 141 -6.16 8.00 -6.87
CA SER A 141 -5.90 9.20 -6.06
C SER A 141 -4.91 8.84 -4.97
N TRP A 142 -4.10 9.82 -4.55
CA TRP A 142 -3.10 9.56 -3.49
C TRP A 142 -3.86 9.78 -2.16
N TYR A 143 -4.22 8.67 -1.52
CA TYR A 143 -5.04 8.67 -0.34
C TYR A 143 -4.31 8.70 1.01
N GLY A 144 -4.74 9.63 1.86
CA GLY A 144 -4.22 9.76 3.22
C GLY A 144 -5.46 9.58 4.12
N GLU A 145 -5.28 9.40 5.43
N GLU A 145 -5.28 9.39 5.42
CA GLU A 145 -6.41 9.23 6.33
CA GLU A 145 -6.44 9.22 6.30
C GLU A 145 -7.43 10.36 6.11
C GLU A 145 -7.43 10.35 6.09
N ARG A 146 -8.71 10.00 6.16
CA ARG A 146 -9.82 10.94 5.93
C ARG A 146 -9.78 11.54 4.50
N ASP A 147 -8.94 10.98 3.61
CA ASP A 147 -8.76 11.53 2.25
C ASP A 147 -8.22 12.98 2.37
N TRP A 148 -7.38 13.22 3.39
CA TRP A 148 -6.83 14.56 3.64
C TRP A 148 -5.36 14.71 3.28
N ALA A 149 -4.91 14.00 2.26
CA ALA A 149 -3.48 14.05 1.91
C ALA A 149 -2.98 15.42 1.41
N ASN A 150 -3.90 16.30 1.01
CA ASN A 150 -3.51 17.63 0.57
C ASN A 150 -4.14 18.72 1.45
N LEU A 151 -4.62 18.33 2.63
CA LEU A 151 -5.21 19.29 3.56
C LEU A 151 -4.24 20.46 3.82
N GLY A 152 -4.76 21.67 3.81
CA GLY A 152 -3.93 22.81 4.11
C GLY A 152 -3.13 23.37 2.98
N LYS A 153 -2.96 22.61 1.90
CA LYS A 153 -2.20 23.15 0.76
C LYS A 153 -3.02 24.17 -0.06
N SER A 154 -2.35 25.16 -0.65
CA SER A 154 -3.02 26.12 -1.53
C SER A 154 -3.32 25.26 -2.79
N GLN A 155 -4.18 25.75 -3.69
CA GLN A 155 -4.46 24.95 -4.88
C GLN A 155 -3.18 24.77 -5.72
N HIS A 156 -2.36 25.82 -5.77
CA HIS A 156 -1.06 25.81 -6.49
C HIS A 156 -0.19 24.64 -5.93
N GLU A 157 -0.06 24.53 -4.61
CA GLU A 157 0.73 23.46 -4.02
C GLU A 157 0.09 22.07 -4.21
N ALA A 158 -1.23 21.97 -4.13
CA ALA A 158 -1.90 20.66 -4.31
C ALA A 158 -1.70 20.16 -5.77
N LEU A 159 -1.80 21.06 -6.74
CA LEU A 159 -1.64 20.69 -8.15
C LEU A 159 -0.17 20.33 -8.45
N ALA A 160 0.76 20.98 -7.77
CA ALA A 160 2.18 20.67 -7.98
C ALA A 160 2.45 19.27 -7.40
N ASP A 161 1.83 18.97 -6.27
CA ASP A 161 2.00 17.64 -5.66
C ASP A 161 1.47 16.61 -6.67
N GLU A 162 0.27 16.86 -7.20
CA GLU A 162 -0.36 15.96 -8.16
C GLU A 162 0.52 15.75 -9.40
N ARG A 163 0.98 16.84 -10.02
N ARG A 163 1.00 16.84 -9.98
CA ARG A 163 1.81 16.71 -11.22
CA ARG A 163 1.88 16.78 -11.16
C ARG A 163 3.13 15.95 -10.97
C ARG A 163 3.07 15.86 -10.88
N HIS A 164 3.73 16.13 -9.78
N HIS A 164 3.83 16.21 -9.84
CA HIS A 164 4.98 15.45 -9.47
CA HIS A 164 5.01 15.48 -9.42
C HIS A 164 4.72 13.98 -9.21
C HIS A 164 4.75 13.99 -9.18
N ARG A 165 3.68 13.68 -8.44
CA ARG A 165 3.37 12.26 -8.12
C ARG A 165 2.96 11.46 -9.37
N LEU A 166 2.16 12.06 -10.24
CA LEU A 166 1.73 11.36 -11.43
C LEU A 166 2.96 11.09 -12.31
N HIS A 167 3.77 12.11 -12.53
CA HIS A 167 4.93 11.93 -13.38
C HIS A 167 5.93 10.91 -12.83
N ALA A 168 6.13 10.91 -11.51
CA ALA A 168 7.06 9.98 -10.89
C ALA A 168 6.56 8.52 -11.03
N ALA A 169 5.27 8.35 -11.30
CA ALA A 169 4.73 7.00 -11.43
C ALA A 169 5.07 6.32 -12.75
N LEU A 170 5.36 7.13 -13.77
CA LEU A 170 5.63 6.59 -15.09
C LEU A 170 6.82 5.62 -15.11
N HIS A 171 6.57 4.41 -15.61
CA HIS A 171 7.60 3.36 -15.69
C HIS A 171 8.03 2.86 -14.34
N LYS A 172 7.23 3.15 -13.31
CA LYS A 172 7.53 2.66 -11.98
C LYS A 172 6.47 1.65 -11.58
N THR A 173 6.80 0.81 -10.60
CA THR A 173 5.86 -0.19 -10.12
C THR A 173 5.01 0.50 -9.06
N VAL A 174 3.68 0.32 -9.13
CA VAL A 174 2.78 0.93 -8.17
C VAL A 174 1.76 -0.09 -7.69
N TYR A 175 1.21 0.19 -6.53
CA TYR A 175 0.22 -0.66 -5.88
C TYR A 175 -1.07 0.19 -5.87
N ILE A 176 -2.11 -0.30 -6.54
CA ILE A 176 -3.39 0.42 -6.63
C ILE A 176 -4.41 -0.45 -5.95
N ALA A 177 -5.10 0.11 -4.96
CA ALA A 177 -6.09 -0.67 -4.24
C ALA A 177 -7.33 0.07 -3.84
N PRO A 178 -8.42 -0.67 -3.63
CA PRO A 178 -9.70 -0.11 -3.22
C PRO A 178 -9.58 -0.14 -1.68
N LEU A 179 -10.32 0.69 -0.97
CA LEU A 179 -10.23 0.66 0.49
C LEU A 179 -11.34 -0.25 0.97
N GLY A 180 -11.08 -1.02 2.01
CA GLY A 180 -12.13 -1.90 2.44
C GLY A 180 -12.51 -1.60 3.85
N LYS A 181 -12.22 -2.59 4.68
CA LYS A 181 -12.50 -2.49 6.08
C LYS A 181 -11.51 -1.45 6.58
N HIS A 182 -12.10 -0.49 7.33
CA HIS A 182 -11.46 0.62 8.02
C HIS A 182 -10.69 1.65 7.21
N LYS A 183 -11.08 1.79 5.96
CA LYS A 183 -10.44 2.73 5.07
C LYS A 183 -8.96 2.38 4.87
N LEU A 184 -8.66 1.08 4.85
CA LEU A 184 -7.31 0.59 4.58
C LEU A 184 -7.34 -0.25 3.31
N PRO A 185 -6.22 -0.30 2.56
CA PRO A 185 -6.18 -1.09 1.32
C PRO A 185 -6.60 -2.53 1.57
N GLU A 186 -7.27 -3.09 0.58
CA GLU A 186 -7.69 -4.48 0.66
C GLU A 186 -7.56 -5.04 -0.75
N GLY A 187 -6.59 -5.91 -1.00
CA GLY A 187 -6.47 -6.46 -2.34
C GLY A 187 -5.90 -5.48 -3.34
N GLY A 188 -6.44 -5.42 -4.55
CA GLY A 188 -5.93 -4.46 -5.52
C GLY A 188 -4.99 -5.10 -6.53
N GLU A 189 -4.07 -4.32 -7.10
CA GLU A 189 -3.16 -4.88 -8.09
C GLU A 189 -1.86 -4.12 -8.11
N VAL A 190 -0.83 -4.75 -8.64
CA VAL A 190 0.47 -4.15 -8.76
C VAL A 190 0.76 -4.08 -10.26
N ARG A 191 1.27 -2.95 -10.72
CA ARG A 191 1.58 -2.86 -12.14
C ARG A 191 2.69 -1.88 -12.36
N ARG A 192 3.41 -2.07 -13.46
CA ARG A 192 4.50 -1.16 -13.80
C ARG A 192 3.83 -0.26 -14.83
N VAL A 193 3.69 1.02 -14.49
CA VAL A 193 2.97 2.00 -15.33
C VAL A 193 3.58 2.43 -16.67
N GLN A 194 2.79 2.32 -17.74
CA GLN A 194 3.27 2.71 -19.07
C GLN A 194 2.65 4.01 -19.57
N LYS A 195 1.57 4.44 -18.92
CA LYS A 195 0.91 5.67 -19.34
C LYS A 195 0.38 6.42 -18.14
N VAL A 196 0.61 7.71 -18.14
CA VAL A 196 0.10 8.57 -17.07
C VAL A 196 -0.65 9.76 -17.68
N GLN A 197 -1.83 10.07 -17.14
CA GLN A 197 -2.59 11.22 -17.63
C GLN A 197 -3.23 11.97 -16.47
N THR A 198 -3.36 13.29 -16.64
CA THR A 198 -4.06 14.10 -15.65
C THR A 198 -5.53 14.05 -16.07
N GLU A 199 -6.41 14.46 -15.16
CA GLU A 199 -7.82 14.48 -15.49
C GLU A 199 -8.07 15.53 -16.58
N GLN A 200 -7.28 16.60 -16.58
CA GLN A 200 -7.43 17.62 -17.63
C GLN A 200 -7.30 16.94 -19.01
N GLU A 201 -6.26 16.13 -19.19
CA GLU A 201 -6.08 15.45 -20.47
C GLU A 201 -7.23 14.55 -20.80
N VAL A 202 -7.72 13.81 -19.79
CA VAL A 202 -8.83 12.92 -20.01
C VAL A 202 -10.13 13.70 -20.34
N ALA A 203 -10.36 14.81 -19.65
CA ALA A 203 -11.57 15.60 -19.93
C ALA A 203 -11.53 16.12 -21.37
N GLU A 204 -10.39 16.66 -21.78
CA GLU A 204 -10.26 17.15 -23.15
C GLU A 204 -10.44 16.03 -24.17
N ALA A 205 -10.00 14.82 -23.85
CA ALA A 205 -10.14 13.69 -24.79
C ALA A 205 -11.60 13.34 -24.94
N ALA A 206 -12.40 13.64 -23.92
CA ALA A 206 -13.84 13.35 -23.96
C ALA A 206 -14.63 14.53 -24.57
N GLY A 207 -13.94 15.60 -24.94
CA GLY A 207 -14.63 16.72 -25.53
C GLY A 207 -15.22 17.68 -24.49
N MET A 208 -14.62 17.72 -23.30
CA MET A 208 -15.11 18.62 -22.25
C MET A 208 -14.06 19.63 -21.88
N ARG A 209 -14.49 20.82 -21.47
CA ARG A 209 -13.55 21.82 -20.99
C ARG A 209 -13.29 21.36 -19.54
N TYR A 210 -12.19 21.82 -18.97
CA TYR A 210 -11.79 21.38 -17.64
C TYR A 210 -11.61 22.55 -16.71
N PHE A 211 -12.14 22.43 -15.51
CA PHE A 211 -11.95 23.48 -14.52
C PHE A 211 -11.77 22.82 -13.17
N ARG A 212 -10.66 23.10 -12.52
CA ARG A 212 -10.36 22.48 -11.21
C ARG A 212 -10.60 23.37 -9.98
N ILE A 213 -11.29 22.85 -8.97
CA ILE A 213 -11.44 23.58 -7.69
C ILE A 213 -10.97 22.58 -6.64
N ALA A 214 -9.83 22.86 -5.98
CA ALA A 214 -9.26 21.91 -5.02
C ALA A 214 -9.97 21.90 -3.66
N ALA A 215 -11.13 21.25 -3.58
CA ALA A 215 -11.87 21.23 -2.32
C ALA A 215 -11.58 19.96 -1.52
N THR A 216 -11.34 20.13 -0.22
CA THR A 216 -11.03 19.03 0.70
C THR A 216 -12.25 18.16 0.94
N ASP A 217 -12.05 16.84 0.87
CA ASP A 217 -13.11 15.86 1.10
C ASP A 217 -13.71 16.04 2.53
N HIS A 218 -15.04 15.85 2.63
CA HIS A 218 -15.76 15.87 3.92
C HIS A 218 -16.11 17.20 4.55
N VAL A 219 -15.51 18.29 4.08
CA VAL A 219 -15.76 19.58 4.73
C VAL A 219 -16.34 20.62 3.80
N TRP A 220 -16.72 21.75 4.40
CA TRP A 220 -17.31 22.85 3.63
C TRP A 220 -16.22 23.50 2.76
N PRO A 221 -16.51 23.71 1.47
CA PRO A 221 -15.49 24.34 0.60
C PRO A 221 -14.98 25.66 1.21
N THR A 222 -13.67 25.91 1.09
CA THR A 222 -13.08 27.12 1.70
C THR A 222 -13.47 28.42 0.99
N PRO A 223 -13.17 29.58 1.63
CA PRO A 223 -13.51 30.85 0.96
C PRO A 223 -12.76 30.96 -0.36
N GLU A 224 -11.54 30.41 -0.40
CA GLU A 224 -10.73 30.45 -1.62
C GLU A 224 -11.38 29.60 -2.74
N ASN A 225 -11.86 28.41 -2.37
CA ASN A 225 -12.54 27.50 -3.31
C ASN A 225 -13.77 28.21 -3.91
N ILE A 226 -14.54 28.87 -3.04
CA ILE A 226 -15.77 29.48 -3.50
C ILE A 226 -15.53 30.76 -4.30
N ASP A 227 -14.53 31.57 -3.91
CA ASP A 227 -14.20 32.79 -4.69
C ASP A 227 -13.79 32.34 -6.11
N ARG A 228 -12.99 31.28 -6.20
CA ARG A 228 -12.53 30.77 -7.50
C ARG A 228 -13.75 30.31 -8.33
N PHE A 229 -14.67 29.58 -7.70
CA PHE A 229 -15.85 29.12 -8.41
C PHE A 229 -16.70 30.30 -8.91
N LEU A 230 -16.96 31.26 -8.03
CA LEU A 230 -17.77 32.42 -8.40
C LEU A 230 -17.18 33.21 -9.57
N ALA A 231 -15.87 33.43 -9.55
CA ALA A 231 -15.25 34.16 -10.67
C ALA A 231 -15.42 33.35 -12.00
N PHE A 232 -15.28 32.05 -11.92
CA PHE A 232 -15.42 31.17 -13.08
C PHE A 232 -16.88 31.20 -13.57
N TYR A 233 -17.80 31.12 -12.62
CA TYR A 233 -19.21 31.14 -12.96
C TYR A 233 -19.59 32.43 -13.71
N ARG A 234 -19.06 33.55 -13.24
N ARG A 234 -19.07 33.55 -13.23
CA ARG A 234 -19.34 34.85 -13.84
CA ARG A 234 -19.35 34.86 -13.80
C ARG A 234 -19.09 34.94 -15.32
C ARG A 234 -19.06 34.99 -15.29
N THR A 235 -18.04 34.30 -15.79
CA THR A 235 -17.70 34.38 -17.19
C THR A 235 -18.16 33.25 -18.11
N LEU A 236 -19.01 32.36 -17.59
CA LEU A 236 -19.52 31.26 -18.40
C LEU A 236 -20.48 31.74 -19.50
N PRO A 237 -20.40 31.15 -20.69
CA PRO A 237 -21.38 31.61 -21.69
C PRO A 237 -22.74 31.10 -21.19
N GLN A 238 -23.81 31.74 -21.64
CA GLN A 238 -25.14 31.36 -21.20
C GLN A 238 -25.50 29.89 -21.31
N ASP A 239 -25.03 29.24 -22.36
CA ASP A 239 -25.36 27.83 -22.58
C ASP A 239 -24.36 26.82 -22.04
N ALA A 240 -23.46 27.25 -21.16
CA ALA A 240 -22.48 26.32 -20.59
C ALA A 240 -23.20 25.24 -19.76
N TRP A 241 -22.70 24.01 -19.81
CA TRP A 241 -23.28 22.93 -19.01
C TRP A 241 -22.15 22.56 -18.00
N LEU A 242 -22.44 22.55 -16.70
CA LEU A 242 -21.43 22.20 -15.71
C LEU A 242 -21.60 20.78 -15.17
N HIS A 243 -20.64 19.89 -15.46
CA HIS A 243 -20.69 18.55 -14.87
C HIS A 243 -19.73 18.51 -13.68
N PHE A 244 -20.30 18.54 -12.48
CA PHE A 244 -19.49 18.54 -11.27
C PHE A 244 -19.17 17.12 -10.82
N HIS A 245 -18.00 16.92 -10.20
CA HIS A 245 -17.72 15.60 -9.64
C HIS A 245 -16.66 15.72 -8.56
N SER A 246 -16.72 14.77 -7.64
CA SER A 246 -15.74 14.63 -6.58
C SER A 246 -15.42 13.11 -6.55
N GLU A 247 -15.17 12.53 -5.37
CA GLU A 247 -14.83 11.11 -5.36
C GLU A 247 -16.09 10.26 -5.49
N ALA A 248 -17.04 10.45 -4.57
CA ALA A 248 -18.28 9.66 -4.64
C ALA A 248 -19.41 10.41 -5.31
N GLY A 249 -19.27 11.73 -5.47
CA GLY A 249 -20.33 12.50 -6.08
C GLY A 249 -21.40 12.86 -5.06
N VAL A 250 -21.00 12.93 -3.80
CA VAL A 250 -21.95 13.25 -2.75
C VAL A 250 -21.69 14.60 -2.08
N GLY A 251 -20.80 14.62 -1.08
CA GLY A 251 -20.59 15.87 -0.35
C GLY A 251 -20.16 17.11 -1.12
N ARG A 252 -19.03 17.02 -1.79
CA ARG A 252 -18.55 18.22 -2.50
C ARG A 252 -19.39 18.50 -3.75
N THR A 253 -19.73 17.45 -4.49
CA THR A 253 -20.53 17.64 -5.72
C THR A 253 -21.86 18.30 -5.41
N THR A 254 -22.56 17.82 -4.38
CA THR A 254 -23.83 18.44 -4.07
C THR A 254 -23.66 19.87 -3.58
N ALA A 255 -22.62 20.15 -2.80
CA ALA A 255 -22.45 21.52 -2.31
C ALA A 255 -22.34 22.50 -3.50
N PHE A 256 -21.56 22.16 -4.53
CA PHE A 256 -21.43 23.08 -5.66
C PHE A 256 -22.67 23.07 -6.56
N MET A 257 -23.35 21.93 -6.68
CA MET A 257 -24.61 21.94 -7.45
C MET A 257 -25.64 22.88 -6.74
N VAL A 258 -25.69 22.80 -5.41
CA VAL A 258 -26.61 23.64 -4.63
C VAL A 258 -26.25 25.11 -4.79
N MET A 259 -24.96 25.41 -4.68
CA MET A 259 -24.53 26.80 -4.85
C MET A 259 -24.90 27.30 -6.24
N THR A 260 -24.66 26.51 -7.28
CA THR A 260 -25.00 26.95 -8.65
C THR A 260 -26.51 27.20 -8.80
N ASP A 261 -27.29 26.29 -8.24
CA ASP A 261 -28.76 26.42 -8.30
C ASP A 261 -29.20 27.75 -7.64
N MET A 262 -28.63 28.04 -6.47
CA MET A 262 -28.95 29.28 -5.77
C MET A 262 -28.54 30.51 -6.58
N LEU A 263 -27.35 30.46 -7.17
CA LEU A 263 -26.87 31.59 -7.96
C LEU A 263 -27.73 31.86 -9.19
N LYS A 264 -28.02 30.78 -9.91
CA LYS A 264 -28.77 30.88 -11.14
C LYS A 264 -30.28 31.10 -10.97
N ASN A 265 -30.83 30.63 -9.84
CA ASN A 265 -32.27 30.72 -9.55
C ASN A 265 -32.52 31.33 -8.15
N PRO A 266 -32.07 32.58 -7.96
CA PRO A 266 -32.19 33.31 -6.69
C PRO A 266 -33.62 33.50 -6.16
N SER A 267 -34.62 33.43 -7.04
CA SER A 267 -36.01 33.59 -6.59
C SER A 267 -36.51 32.30 -5.94
N VAL A 268 -35.77 31.20 -6.07
CA VAL A 268 -36.23 29.93 -5.50
C VAL A 268 -35.89 29.83 -4.01
N SER A 269 -36.84 29.34 -3.20
CA SER A 269 -36.60 29.24 -1.76
C SER A 269 -35.49 28.27 -1.41
N LEU A 270 -34.85 28.51 -0.24
CA LEU A 270 -33.79 27.65 0.27
C LEU A 270 -34.30 26.22 0.36
N LYS A 271 -35.51 26.08 0.93
CA LYS A 271 -36.08 24.73 1.07
C LYS A 271 -36.24 24.06 -0.29
N ASP A 272 -36.75 24.77 -1.29
CA ASP A 272 -36.90 24.14 -2.59
C ASP A 272 -35.54 23.71 -3.19
N ILE A 273 -34.55 24.59 -3.12
CA ILE A 273 -33.21 24.27 -3.64
C ILE A 273 -32.66 23.00 -2.94
N LEU A 274 -32.66 23.00 -1.60
CA LEU A 274 -32.11 21.86 -0.85
C LEU A 274 -32.88 20.56 -1.13
N TYR A 275 -34.22 20.62 -1.15
CA TYR A 275 -35.00 19.42 -1.44
C TYR A 275 -34.75 18.90 -2.86
N ARG A 276 -34.78 19.80 -3.85
CA ARG A 276 -34.64 19.32 -5.23
C ARG A 276 -33.24 18.83 -5.56
N GLN A 277 -32.20 19.41 -4.95
CA GLN A 277 -30.84 18.90 -5.27
C GLN A 277 -30.65 17.54 -4.61
N HIS A 278 -31.36 17.33 -3.51
CA HIS A 278 -31.31 16.04 -2.85
C HIS A 278 -32.12 15.03 -3.67
N GLU A 279 -33.35 15.41 -4.02
CA GLU A 279 -34.23 14.49 -4.75
C GLU A 279 -33.86 14.04 -6.17
N ILE A 280 -32.92 14.72 -6.81
CA ILE A 280 -32.43 14.25 -8.11
C ILE A 280 -31.21 13.33 -7.85
N GLY A 281 -30.85 13.11 -6.59
CA GLY A 281 -29.76 12.20 -6.32
C GLY A 281 -28.57 12.73 -5.55
N GLY A 282 -28.72 13.88 -4.92
CA GLY A 282 -27.62 14.40 -4.15
C GLY A 282 -27.82 14.30 -2.66
N PHE A 283 -26.87 14.88 -1.93
CA PHE A 283 -26.95 14.90 -0.46
C PHE A 283 -28.01 15.95 -0.10
N TYR A 284 -28.53 15.88 1.12
CA TYR A 284 -29.52 16.85 1.60
C TYR A 284 -28.73 17.81 2.52
N TYR A 285 -28.63 19.08 2.11
CA TYR A 285 -27.85 20.03 2.86
C TYR A 285 -28.58 20.88 3.89
N GLY A 286 -29.76 20.42 4.32
CA GLY A 286 -30.48 21.16 5.35
C GLY A 286 -30.30 20.43 6.69
N GLU A 287 -30.97 20.91 7.73
CA GLU A 287 -30.88 20.28 9.04
C GLU A 287 -31.49 18.89 9.02
N PHE A 288 -30.84 17.96 9.70
CA PHE A 288 -31.35 16.60 9.85
C PHE A 288 -30.70 15.96 11.10
N PRO A 289 -31.23 14.80 11.56
CA PRO A 289 -30.68 14.12 12.74
C PRO A 289 -29.38 13.44 12.37
N ILE A 290 -28.26 14.12 12.62
CA ILE A 290 -26.95 13.58 12.31
C ILE A 290 -26.69 12.41 13.25
N LYS A 291 -26.36 11.25 12.69
CA LYS A 291 -26.10 10.06 13.50
C LYS A 291 -24.90 9.36 12.88
N THR A 292 -23.78 9.33 13.58
CA THR A 292 -22.59 8.71 13.03
C THR A 292 -22.14 7.49 13.84
N LYS A 293 -21.32 6.65 13.23
CA LYS A 293 -20.77 5.50 13.93
C LYS A 293 -19.64 6.06 14.81
N ASP A 294 -19.24 5.30 15.82
CA ASP A 294 -18.18 5.75 16.72
C ASP A 294 -16.92 6.18 15.99
N LYS A 295 -16.50 5.39 15.01
CA LYS A 295 -15.29 5.70 14.26
C LYS A 295 -15.45 6.92 13.34
N ASP A 296 -16.69 7.39 13.17
CA ASP A 296 -16.94 8.53 12.31
C ASP A 296 -17.43 9.75 13.10
N SER A 297 -17.26 9.72 14.42
CA SER A 297 -17.74 10.83 15.23
C SER A 297 -17.03 12.13 14.88
N TRP A 298 -15.84 12.05 14.31
CA TRP A 298 -15.15 13.29 13.94
C TRP A 298 -15.92 14.08 12.85
N LYS A 299 -16.73 13.36 12.08
CA LYS A 299 -17.51 13.97 11.01
C LYS A 299 -18.62 14.91 11.49
N THR A 300 -19.18 14.60 12.66
CA THR A 300 -20.32 15.34 13.22
C THR A 300 -20.24 16.85 13.12
N LYS A 301 -19.16 17.46 13.60
CA LYS A 301 -19.09 18.91 13.55
C LYS A 301 -18.93 19.47 12.14
N TYR A 302 -18.39 18.65 11.23
CA TYR A 302 -18.23 19.10 9.86
C TYR A 302 -19.58 19.12 9.14
N TYR A 303 -20.44 18.16 9.35
CA TYR A 303 -21.84 18.20 8.90
C TYR A 303 -22.50 19.46 9.44
N ARG A 304 -22.44 19.68 10.78
CA ARG A 304 -23.13 20.84 11.36
C ARG A 304 -22.62 22.12 10.71
N GLU A 305 -21.31 22.19 10.48
CA GLU A 305 -20.71 23.37 9.87
C GLU A 305 -21.24 23.58 8.43
N LYS A 306 -21.40 22.51 7.67
CA LYS A 306 -21.88 22.65 6.29
C LYS A 306 -23.34 23.12 6.29
N ILE A 307 -24.13 22.63 7.23
CA ILE A 307 -25.53 23.07 7.28
C ILE A 307 -25.55 24.58 7.49
N VAL A 308 -24.75 25.06 8.42
CA VAL A 308 -24.72 26.48 8.71
C VAL A 308 -24.19 27.30 7.54
N MET A 309 -23.15 26.80 6.87
CA MET A 309 -22.55 27.53 5.76
C MET A 309 -23.44 27.57 4.51
N ILE A 310 -24.23 26.53 4.30
CA ILE A 310 -25.15 26.48 3.17
C ILE A 310 -26.14 27.66 3.34
N GLU A 311 -26.58 27.87 4.57
CA GLU A 311 -27.49 28.96 4.90
C GLU A 311 -26.82 30.32 4.66
N GLN A 312 -25.57 30.42 5.11
CA GLN A 312 -24.81 31.66 4.96
C GLN A 312 -24.56 31.96 3.48
N PHE A 313 -24.32 30.93 2.68
CA PHE A 313 -24.10 31.16 1.26
C PHE A 313 -25.40 31.65 0.60
N TYR A 314 -26.51 31.08 1.03
CA TYR A 314 -27.82 31.50 0.52
C TYR A 314 -28.00 32.98 0.88
N ARG A 315 -27.62 33.37 2.10
N ARG A 315 -27.63 33.36 2.11
CA ARG A 315 -27.74 34.77 2.49
CA ARG A 315 -27.75 34.76 2.51
C ARG A 315 -26.89 35.61 1.56
C ARG A 315 -26.86 35.63 1.61
N TYR A 316 -25.67 35.14 1.29
CA TYR A 316 -24.75 35.89 0.40
C TYR A 316 -25.39 36.13 -0.98
N VAL A 317 -25.93 35.09 -1.58
CA VAL A 317 -26.54 35.24 -2.91
C VAL A 317 -27.68 36.27 -2.87
N GLN A 318 -28.56 36.15 -1.87
CA GLN A 318 -29.69 37.05 -1.75
C GLN A 318 -29.27 38.51 -1.52
N GLU A 319 -28.28 38.73 -0.67
CA GLU A 319 -27.85 40.09 -0.38
C GLU A 319 -26.88 40.72 -1.38
N ASN A 320 -26.27 39.92 -2.24
CA ASN A 320 -25.32 40.49 -3.19
C ASN A 320 -25.69 40.43 -4.66
N ARG A 321 -26.81 39.82 -4.98
CA ARG A 321 -27.17 39.72 -6.38
C ARG A 321 -27.52 41.06 -7.02
N ALA A 322 -28.24 41.91 -6.30
CA ALA A 322 -28.64 43.22 -6.84
C ALA A 322 -27.50 44.04 -7.46
N ASP A 323 -26.29 44.03 -6.88
CA ASP A 323 -25.24 44.84 -7.52
C ASP A 323 -24.29 44.01 -8.36
N GLY A 324 -24.71 42.80 -8.67
CA GLY A 324 -23.87 41.97 -9.49
C GLY A 324 -22.67 41.38 -8.78
N TYR A 325 -22.80 41.09 -7.48
CA TYR A 325 -21.71 40.47 -6.73
C TYR A 325 -20.39 41.20 -6.80
N GLN A 326 -20.43 42.50 -6.52
CA GLN A 326 -19.21 43.29 -6.54
C GLN A 326 -18.31 42.84 -5.40
N THR A 327 -18.88 42.35 -4.30
CA THR A 327 -18.09 41.94 -3.14
C THR A 327 -17.88 40.43 -3.16
N PRO A 328 -16.60 39.98 -3.18
CA PRO A 328 -16.35 38.53 -3.19
C PRO A 328 -16.86 37.85 -1.94
N TRP A 329 -17.20 36.56 -2.08
CA TRP A 329 -17.66 35.73 -0.98
C TRP A 329 -16.73 35.81 0.22
N SER A 330 -15.42 35.65 0.01
CA SER A 330 -14.50 35.64 1.15
C SER A 330 -14.54 36.95 1.97
N VAL A 331 -14.63 38.07 1.27
CA VAL A 331 -14.67 39.38 1.92
C VAL A 331 -15.98 39.55 2.68
N TRP A 332 -17.06 39.21 2.01
CA TRP A 332 -18.38 39.33 2.61
C TRP A 332 -18.52 38.42 3.85
N LEU A 333 -17.93 37.23 3.80
CA LEU A 333 -18.01 36.30 4.91
C LEU A 333 -17.20 36.81 6.11
N LYS A 334 -16.08 37.46 5.86
CA LYS A 334 -15.30 38.02 6.96
C LYS A 334 -16.12 39.14 7.63
N SER A 335 -16.91 39.90 6.88
CA SER A 335 -17.68 40.97 7.53
C SER A 335 -19.06 40.50 8.02
N HIS A 336 -19.48 39.29 7.63
CA HIS A 336 -20.75 38.72 8.07
C HIS A 336 -20.46 37.28 8.47
N PRO A 337 -19.75 37.08 9.59
CA PRO A 337 -19.46 35.68 9.93
C PRO A 337 -20.65 34.80 10.29
N ALA A 338 -20.50 33.52 9.99
CA ALA A 338 -21.55 32.57 10.29
C ALA A 338 -21.51 32.26 11.78
N LYS A 339 -22.65 31.85 12.33
CA LYS A 339 -22.71 31.52 13.74
C LYS A 339 -23.01 30.04 13.87
N ALA A 340 -22.38 29.37 14.82
CA ALA A 340 -22.63 27.96 15.05
C ALA A 340 -24.07 27.80 15.54
N GLU B 26 22.21 -26.67 -28.84
CA GLU B 26 23.68 -26.56 -28.96
C GLU B 26 24.32 -27.21 -27.75
N GLN B 27 25.47 -26.67 -27.35
CA GLN B 27 26.23 -27.15 -26.19
C GLN B 27 26.34 -26.08 -25.10
N THR B 28 26.14 -24.81 -25.46
CA THR B 28 26.20 -23.74 -24.48
C THR B 28 24.86 -23.50 -23.76
N VAL B 29 24.94 -23.49 -22.44
CA VAL B 29 23.79 -23.33 -21.56
C VAL B 29 23.72 -21.90 -21.05
N THR B 30 22.54 -21.29 -21.09
CA THR B 30 22.40 -19.89 -20.64
C THR B 30 22.47 -19.80 -19.11
N GLU B 31 21.76 -20.67 -18.41
CA GLU B 31 21.82 -20.67 -16.96
C GLU B 31 21.99 -22.11 -16.49
N PRO B 32 23.06 -22.39 -15.74
CA PRO B 32 23.26 -23.77 -15.24
C PRO B 32 22.29 -24.06 -14.11
N VAL B 33 22.14 -25.35 -13.80
CA VAL B 33 21.30 -25.76 -12.69
C VAL B 33 21.91 -25.09 -11.41
N GLY B 34 21.06 -24.57 -10.52
CA GLY B 34 21.50 -23.89 -9.31
C GLY B 34 21.42 -22.38 -9.56
N SER B 35 21.17 -21.97 -10.81
CA SER B 35 21.10 -20.54 -11.14
C SER B 35 19.85 -20.20 -11.97
N TYR B 36 18.81 -21.02 -11.89
CA TYR B 36 17.60 -20.76 -12.68
C TYR B 36 17.03 -19.35 -12.47
N ALA B 37 17.09 -18.88 -11.24
CA ALA B 37 16.51 -17.57 -10.91
C ALA B 37 17.10 -16.45 -11.74
N ARG B 38 18.33 -16.62 -12.19
CA ARG B 38 18.99 -15.59 -12.99
C ARG B 38 18.22 -15.30 -14.30
N ALA B 39 17.38 -16.24 -14.73
CA ALA B 39 16.62 -16.05 -15.95
C ALA B 39 15.38 -15.15 -15.75
N GLU B 40 14.97 -14.94 -14.48
CA GLU B 40 13.79 -14.11 -14.24
C GLU B 40 14.13 -12.63 -14.41
N ARG B 41 13.14 -11.79 -14.71
CA ARG B 41 13.37 -10.35 -14.90
C ARG B 41 13.04 -9.57 -13.64
N PRO B 42 14.07 -9.00 -12.99
CA PRO B 42 13.90 -8.21 -11.76
C PRO B 42 12.82 -7.13 -11.86
N GLN B 43 12.72 -6.48 -13.01
CA GLN B 43 11.75 -5.40 -13.20
C GLN B 43 10.31 -5.84 -13.08
N ASP B 44 10.06 -7.14 -13.12
CA ASP B 44 8.69 -7.60 -13.00
C ASP B 44 8.30 -7.92 -11.57
N PHE B 45 9.21 -7.66 -10.62
CA PHE B 45 8.95 -7.97 -9.21
C PHE B 45 9.40 -6.86 -8.26
N GLU B 46 9.36 -5.60 -8.70
CA GLU B 46 9.81 -4.50 -7.82
C GLU B 46 8.93 -4.29 -6.57
N GLY B 47 9.57 -3.87 -5.48
CA GLY B 47 8.88 -3.66 -4.20
C GLY B 47 7.73 -2.68 -4.27
N PHE B 48 6.65 -2.90 -3.53
CA PHE B 48 5.55 -1.94 -3.59
C PHE B 48 4.93 -1.67 -2.23
N VAL B 49 5.39 -2.37 -1.18
CA VAL B 49 4.78 -2.11 0.13
C VAL B 49 5.70 -2.56 1.28
N TRP B 50 5.55 -1.91 2.44
CA TRP B 50 6.30 -2.29 3.63
C TRP B 50 5.45 -3.41 4.25
N ARG B 51 5.93 -4.64 4.11
CA ARG B 51 5.21 -5.79 4.66
C ARG B 51 5.53 -6.02 6.16
N LEU B 52 4.50 -6.33 6.96
CA LEU B 52 4.74 -6.62 8.39
C LEU B 52 5.40 -8.01 8.49
N ASP B 53 6.63 -8.09 9.02
CA ASP B 53 7.34 -9.38 9.10
C ASP B 53 6.96 -10.21 10.31
N ASN B 54 6.49 -9.56 11.39
CA ASN B 54 6.06 -10.30 12.59
C ASN B 54 5.14 -9.39 13.41
N ASP B 55 3.98 -9.90 13.82
CA ASP B 55 3.03 -9.05 14.56
C ASP B 55 3.41 -8.83 16.01
N GLY B 56 4.51 -9.47 16.43
CA GLY B 56 4.99 -9.30 17.79
C GLY B 56 4.13 -9.86 18.92
N LYS B 57 3.11 -10.63 18.60
CA LYS B 57 2.24 -11.14 19.66
C LYS B 57 2.80 -12.30 20.50
N GLU B 58 3.67 -13.13 19.93
CA GLU B 58 4.27 -14.25 20.66
C GLU B 58 5.62 -13.85 21.25
N ALA B 59 6.06 -14.60 22.27
CA ALA B 59 7.33 -14.32 22.93
C ALA B 59 8.52 -14.65 22.04
N LEU B 60 8.33 -15.60 21.13
CA LEU B 60 9.41 -16.01 20.25
C LEU B 60 9.00 -15.93 18.78
N PRO B 61 9.98 -15.92 17.86
CA PRO B 61 9.69 -15.86 16.43
C PRO B 61 9.08 -17.23 16.09
N ARG B 62 8.49 -17.33 14.90
N ARG B 62 8.47 -17.34 14.91
CA ARG B 62 7.86 -18.56 14.43
CA ARG B 62 7.88 -18.60 14.51
C ARG B 62 8.92 -19.58 13.95
C ARG B 62 8.95 -19.59 14.08
N ASN B 63 8.58 -20.87 14.03
CA ASN B 63 9.51 -21.92 13.61
C ASN B 63 10.85 -21.94 14.34
N PHE B 64 10.83 -21.52 15.59
CA PHE B 64 12.06 -21.51 16.39
C PHE B 64 12.49 -22.92 16.75
N ARG B 65 13.73 -23.28 16.49
CA ARG B 65 14.21 -24.60 16.90
C ARG B 65 15.72 -24.55 17.05
N THR B 66 16.28 -25.49 17.83
CA THR B 66 17.73 -25.56 17.96
C THR B 66 18.14 -26.99 17.69
N SER B 67 19.41 -27.20 17.37
CA SER B 67 19.90 -28.55 17.09
C SER B 67 19.92 -29.48 18.30
N ALA B 68 19.62 -28.97 19.49
CA ALA B 68 19.59 -29.83 20.65
C ALA B 68 18.17 -30.38 20.84
N ASP B 69 17.24 -29.95 20.00
CA ASP B 69 15.84 -30.35 20.15
C ASP B 69 15.51 -31.81 19.80
N ALA B 70 14.44 -32.32 20.39
CA ALA B 70 13.96 -33.68 20.13
C ALA B 70 13.38 -33.75 18.72
N LEU B 71 13.51 -34.90 18.08
CA LEU B 71 12.99 -35.07 16.73
C LEU B 71 11.48 -35.34 16.77
N ARG B 72 10.71 -34.71 15.89
CA ARG B 72 9.28 -34.94 15.85
C ARG B 72 8.93 -35.78 14.63
N ALA B 73 7.66 -36.19 14.53
CA ALA B 73 7.19 -36.98 13.39
C ALA B 73 7.32 -36.10 12.13
N PRO B 74 7.67 -36.69 10.98
CA PRO B 74 7.80 -35.87 9.76
C PRO B 74 6.44 -35.35 9.24
N GLU B 75 6.48 -34.24 8.49
CA GLU B 75 5.26 -33.66 7.94
C GLU B 75 4.79 -34.58 6.79
N LYS B 76 3.49 -34.86 6.74
CA LYS B 76 2.94 -35.74 5.71
C LYS B 76 3.18 -35.34 4.28
N LYS B 77 3.27 -34.03 4.00
CA LYS B 77 3.47 -33.59 2.63
C LYS B 77 4.78 -34.11 2.03
N PHE B 78 5.75 -34.48 2.87
CA PHE B 78 7.02 -34.99 2.33
C PHE B 78 7.05 -36.49 2.09
N HIS B 79 5.99 -37.20 2.48
CA HIS B 79 5.92 -38.66 2.24
C HIS B 79 7.17 -39.38 2.67
N LEU B 80 7.55 -39.16 3.93
CA LEU B 80 8.75 -39.78 4.46
C LEU B 80 8.37 -41.00 5.31
N ASP B 81 9.37 -41.72 5.77
CA ASP B 81 9.21 -42.91 6.62
C ASP B 81 9.19 -42.46 8.06
N ALA B 82 8.01 -42.42 8.66
CA ALA B 82 7.85 -41.96 10.03
C ALA B 82 8.49 -42.91 11.03
N ALA B 83 8.85 -44.09 10.54
CA ALA B 83 9.44 -45.09 11.41
C ALA B 83 10.96 -44.97 11.40
N TYR B 84 11.50 -44.19 10.48
CA TYR B 84 12.96 -44.05 10.39
C TYR B 84 13.49 -43.16 11.52
N VAL B 85 14.53 -43.65 12.19
CA VAL B 85 15.13 -42.88 13.28
C VAL B 85 16.52 -42.42 12.82
N PRO B 86 16.65 -41.14 12.42
CA PRO B 86 17.96 -40.67 11.98
C PRO B 86 18.97 -40.60 13.11
N SER B 87 20.25 -40.72 12.76
CA SER B 87 21.30 -40.62 13.76
C SER B 87 21.40 -39.18 14.25
N ARG B 88 21.59 -39.01 15.56
CA ARG B 88 21.73 -37.68 16.12
C ARG B 88 23.23 -37.38 16.34
N GLU B 89 24.11 -38.22 15.76
CA GLU B 89 25.54 -37.99 15.95
C GLU B 89 25.94 -36.54 15.64
N GLY B 90 26.56 -35.85 16.60
CA GLY B 90 26.99 -34.47 16.39
C GLY B 90 26.00 -33.32 16.64
N MET B 91 24.73 -33.65 16.86
N MET B 91 24.73 -33.66 16.85
CA MET B 91 23.73 -32.61 17.09
CA MET B 91 23.69 -32.65 17.09
C MET B 91 23.94 -31.83 18.37
C MET B 91 23.97 -31.84 18.36
N ASP B 92 24.34 -32.52 19.43
CA ASP B 92 24.59 -31.83 20.69
C ASP B 92 25.73 -30.80 20.57
N ALA B 93 26.70 -31.04 19.70
CA ALA B 93 27.81 -30.07 19.52
C ALA B 93 27.60 -29.12 18.33
N LEU B 94 26.53 -29.32 17.57
CA LEU B 94 26.28 -28.54 16.36
C LEU B 94 26.11 -27.05 16.67
N HIS B 95 25.27 -26.75 17.66
CA HIS B 95 25.08 -25.37 18.13
C HIS B 95 24.51 -24.38 17.09
N ILE B 96 23.38 -24.75 16.49
CA ILE B 96 22.73 -23.87 15.55
C ILE B 96 21.23 -23.85 15.88
N SER B 97 20.56 -22.80 15.46
CA SER B 97 19.13 -22.67 15.64
C SER B 97 18.57 -21.94 14.41
N GLY B 98 17.24 -21.92 14.28
CA GLY B 98 16.65 -21.23 13.15
C GLY B 98 15.31 -20.65 13.54
N SER B 99 14.85 -19.62 12.81
CA SER B 99 13.51 -19.06 13.07
C SER B 99 13.12 -18.11 11.94
N SER B 100 11.90 -17.61 12.06
CA SER B 100 11.33 -16.63 11.14
C SER B 100 11.90 -15.28 11.60
N ALA B 101 11.44 -14.22 10.95
CA ALA B 101 11.82 -12.86 11.29
C ALA B 101 11.22 -12.59 12.69
N PHE B 102 11.68 -11.53 13.35
CA PHE B 102 11.28 -11.25 14.73
C PHE B 102 11.21 -9.76 15.07
N THR B 103 10.50 -9.44 16.16
CA THR B 103 10.49 -8.07 16.66
C THR B 103 11.75 -7.98 17.54
N PRO B 104 12.15 -6.76 17.95
CA PRO B 104 13.36 -6.63 18.79
C PRO B 104 13.22 -7.37 20.11
N ALA B 105 12.03 -7.33 20.69
CA ALA B 105 11.79 -8.01 21.95
C ALA B 105 11.90 -9.53 21.77
N GLN B 106 11.41 -10.05 20.64
CA GLN B 106 11.50 -11.49 20.41
C GLN B 106 12.97 -11.90 20.24
N LEU B 107 13.77 -11.08 19.58
CA LEU B 107 15.18 -11.45 19.40
C LEU B 107 15.87 -11.43 20.78
N LYS B 108 15.49 -10.52 21.66
CA LYS B 108 16.13 -10.53 22.99
C LYS B 108 15.77 -11.82 23.72
N ASN B 109 14.56 -12.32 23.48
CA ASN B 109 14.15 -13.55 24.13
C ASN B 109 14.96 -14.71 23.56
N VAL B 110 15.18 -14.66 22.26
CA VAL B 110 15.97 -15.72 21.62
C VAL B 110 17.40 -15.69 22.16
N ALA B 111 18.01 -14.50 22.18
CA ALA B 111 19.39 -14.37 22.62
C ALA B 111 19.55 -14.90 24.07
N ALA B 112 18.60 -14.58 24.94
CA ALA B 112 18.66 -15.02 26.35
C ALA B 112 18.60 -16.54 26.42
N LYS B 113 17.70 -17.12 25.64
CA LYS B 113 17.52 -18.56 25.58
C LYS B 113 18.81 -19.23 25.07
N LEU B 114 19.38 -18.69 24.01
CA LEU B 114 20.60 -19.28 23.45
C LEU B 114 21.81 -19.13 24.39
N ARG B 115 21.85 -18.05 25.17
CA ARG B 115 22.97 -17.88 26.12
C ARG B 115 22.98 -18.99 27.19
N GLU B 116 21.84 -19.61 27.48
CA GLU B 116 21.78 -20.69 28.45
C GLU B 116 22.47 -21.94 27.94
N LYS B 117 22.72 -22.00 26.63
CA LYS B 117 23.31 -23.14 25.96
C LYS B 117 24.77 -22.99 25.57
N THR B 118 25.33 -21.79 25.67
CA THR B 118 26.71 -21.60 25.24
C THR B 118 27.37 -20.38 25.88
N ALA B 119 28.71 -20.40 25.92
CA ALA B 119 29.48 -19.30 26.45
C ALA B 119 30.24 -18.67 25.29
N GLY B 120 29.90 -19.08 24.05
CA GLY B 120 30.57 -18.52 22.88
C GLY B 120 29.79 -17.37 22.27
N PRO B 121 30.31 -16.75 21.21
CA PRO B 121 29.54 -15.65 20.62
C PRO B 121 28.28 -16.25 19.94
N ILE B 122 27.19 -15.51 19.96
CA ILE B 122 25.94 -15.95 19.35
C ILE B 122 25.71 -15.00 18.17
N TYR B 123 25.61 -15.59 16.98
CA TYR B 123 25.42 -14.81 15.77
C TYR B 123 24.00 -14.82 15.26
N ASP B 124 23.53 -13.63 14.89
CA ASP B 124 22.25 -13.51 14.22
C ASP B 124 22.71 -13.58 12.75
N VAL B 125 22.47 -14.70 12.08
CA VAL B 125 22.82 -14.85 10.67
C VAL B 125 21.58 -14.55 9.84
N ASP B 126 21.52 -13.33 9.31
CA ASP B 126 20.39 -12.82 8.52
C ASP B 126 20.54 -13.20 7.04
N LEU B 127 19.68 -14.12 6.60
CA LEU B 127 19.72 -14.66 5.24
C LEU B 127 18.84 -13.95 4.22
N ARG B 128 18.32 -12.80 4.56
CA ARG B 128 17.37 -12.12 3.67
C ARG B 128 17.94 -11.13 2.66
N GLN B 129 17.67 -11.39 1.38
CA GLN B 129 18.14 -10.45 0.34
C GLN B 129 17.20 -9.25 0.34
N GLU B 130 15.90 -9.49 0.58
CA GLU B 130 14.96 -8.38 0.57
C GLU B 130 15.36 -7.32 1.60
N SER B 131 15.14 -6.05 1.24
CA SER B 131 15.44 -4.94 2.13
C SER B 131 14.49 -4.98 3.33
N HIS B 132 15.04 -4.93 4.53
CA HIS B 132 14.21 -5.00 5.74
C HIS B 132 14.84 -4.26 6.91
N GLY B 133 14.08 -4.06 7.98
CA GLY B 133 14.62 -3.34 9.12
C GLY B 133 13.49 -3.13 10.11
N TYR B 134 13.58 -2.05 10.89
CA TYR B 134 12.58 -1.80 11.93
C TYR B 134 12.16 -0.33 11.91
N LEU B 135 10.86 -0.10 11.87
CA LEU B 135 10.28 1.26 11.85
C LEU B 135 9.50 1.35 13.17
N ASP B 136 9.95 2.22 14.08
CA ASP B 136 9.34 2.32 15.41
C ASP B 136 9.33 0.95 16.07
N GLY B 137 10.39 0.16 15.85
CA GLY B 137 10.51 -1.16 16.45
C GLY B 137 9.74 -2.27 15.75
N ILE B 138 9.02 -1.94 14.68
CA ILE B 138 8.21 -2.91 13.96
C ILE B 138 9.03 -3.49 12.83
N PRO B 139 9.11 -4.82 12.79
CA PRO B 139 9.90 -5.50 11.75
C PRO B 139 9.16 -5.47 10.42
N VAL B 140 9.77 -4.83 9.42
CA VAL B 140 9.15 -4.68 8.10
C VAL B 140 10.14 -5.01 6.97
N SER B 141 9.60 -5.34 5.79
CA SER B 141 10.45 -5.59 4.61
C SER B 141 9.78 -4.95 3.39
N TRP B 142 10.60 -4.53 2.42
CA TRP B 142 10.07 -3.89 1.21
C TRP B 142 9.75 -5.04 0.29
N TYR B 143 8.45 -5.33 0.19
CA TYR B 143 7.94 -6.46 -0.55
C TYR B 143 7.53 -6.21 -1.99
N GLY B 144 8.08 -7.04 -2.87
CA GLY B 144 7.74 -7.03 -4.29
C GLY B 144 7.12 -8.41 -4.56
N GLU B 145 6.46 -8.63 -5.70
CA GLU B 145 5.87 -9.95 -5.96
C GLU B 145 6.89 -11.05 -5.79
N ARG B 146 6.47 -12.17 -5.18
CA ARG B 146 7.33 -13.33 -4.88
C ARG B 146 8.42 -12.99 -3.86
N ASP B 147 8.32 -11.82 -3.28
CA ASP B 147 9.33 -11.31 -2.33
C ASP B 147 10.63 -11.16 -3.11
N TRP B 148 10.54 -10.72 -4.37
CA TRP B 148 11.72 -10.59 -5.19
C TRP B 148 12.13 -9.13 -5.48
N ALA B 149 11.87 -8.23 -4.54
CA ALA B 149 12.21 -6.81 -4.75
C ALA B 149 13.69 -6.51 -4.96
N ASN B 150 14.58 -7.39 -4.48
CA ASN B 150 16.00 -7.17 -4.72
C ASN B 150 16.63 -8.21 -5.66
N LEU B 151 15.80 -8.92 -6.41
CA LEU B 151 16.28 -9.95 -7.33
C LEU B 151 17.29 -9.35 -8.28
N GLY B 152 18.40 -10.04 -8.52
CA GLY B 152 19.38 -9.52 -9.46
C GLY B 152 20.38 -8.53 -8.91
N LYS B 153 20.13 -7.98 -7.73
CA LYS B 153 21.10 -7.04 -7.14
C LYS B 153 22.25 -7.78 -6.45
N SER B 154 23.44 -7.19 -6.48
CA SER B 154 24.57 -7.78 -5.75
C SER B 154 24.24 -7.51 -4.28
N GLN B 155 24.92 -8.20 -3.38
CA GLN B 155 24.69 -7.96 -1.97
C GLN B 155 24.93 -6.48 -1.69
N HIS B 156 25.97 -5.88 -2.28
CA HIS B 156 26.24 -4.45 -2.05
C HIS B 156 25.00 -3.60 -2.43
N GLU B 157 24.49 -3.79 -3.65
CA GLU B 157 23.35 -3.02 -4.12
C GLU B 157 22.10 -3.28 -3.26
N ALA B 158 21.88 -4.53 -2.83
CA ALA B 158 20.71 -4.83 -1.98
C ALA B 158 20.84 -4.11 -0.64
N LEU B 159 22.02 -4.11 -0.04
CA LEU B 159 22.18 -3.45 1.26
C LEU B 159 22.11 -1.92 1.15
N ALA B 160 22.60 -1.38 0.03
CA ALA B 160 22.51 0.08 -0.21
C ALA B 160 21.03 0.44 -0.34
N ASP B 161 20.28 -0.34 -1.13
CA ASP B 161 18.82 -0.10 -1.27
C ASP B 161 18.18 -0.05 0.11
N GLU B 162 18.48 -1.08 0.91
CA GLU B 162 17.95 -1.19 2.25
C GLU B 162 18.26 0.03 3.12
N ARG B 163 19.53 0.43 3.16
CA ARG B 163 19.87 1.59 3.97
C ARG B 163 19.15 2.84 3.48
N HIS B 164 19.12 3.03 2.18
N HIS B 164 19.10 3.05 2.17
CA HIS B 164 18.48 4.21 1.60
CA HIS B 164 18.45 4.24 1.64
C HIS B 164 16.98 4.27 1.93
C HIS B 164 16.96 4.27 1.96
N ARG B 165 16.30 3.14 1.77
CA ARG B 165 14.85 3.04 2.03
C ARG B 165 14.49 3.23 3.48
N LEU B 166 15.25 2.58 4.37
CA LEU B 166 15.02 2.72 5.80
C LEU B 166 15.17 4.18 6.20
N HIS B 167 16.27 4.79 5.82
CA HIS B 167 16.52 6.19 6.17
C HIS B 167 15.44 7.13 5.63
N ALA B 168 14.99 6.89 4.41
CA ALA B 168 13.96 7.74 3.79
C ALA B 168 12.62 7.67 4.52
N ALA B 169 12.41 6.63 5.31
CA ALA B 169 11.14 6.47 6.03
C ALA B 169 11.13 7.30 7.30
N LEU B 170 12.30 7.69 7.79
CA LEU B 170 12.34 8.46 9.05
C LEU B 170 11.56 9.79 8.93
N HIS B 171 10.61 10.00 9.86
CA HIS B 171 9.75 11.20 9.91
C HIS B 171 8.82 11.29 8.72
N LYS B 172 8.57 10.15 8.07
CA LYS B 172 7.66 10.13 6.95
C LYS B 172 6.51 9.21 7.31
N THR B 173 5.41 9.34 6.58
CA THR B 173 4.24 8.52 6.80
C THR B 173 4.41 7.26 5.99
N VAL B 174 4.18 6.09 6.62
CA VAL B 174 4.30 4.83 5.91
C VAL B 174 3.07 3.97 6.18
N TYR B 175 2.82 3.04 5.26
CA TYR B 175 1.74 2.10 5.35
C TYR B 175 2.42 0.75 5.53
N ILE B 176 2.12 0.09 6.63
CA ILE B 176 2.74 -1.20 6.95
C ILE B 176 1.61 -2.23 7.01
N ALA B 177 1.71 -3.27 6.20
CA ALA B 177 0.66 -4.24 6.20
C ALA B 177 1.06 -5.70 6.09
N PRO B 178 0.22 -6.56 6.64
CA PRO B 178 0.47 -8.01 6.56
C PRO B 178 -0.10 -8.36 5.18
N LEU B 179 0.36 -9.45 4.56
CA LEU B 179 -0.18 -9.84 3.25
C LEU B 179 -1.29 -10.80 3.52
N GLY B 180 -2.36 -10.67 2.77
CA GLY B 180 -3.45 -11.56 3.03
C GLY B 180 -3.72 -12.44 1.86
N LYS B 181 -4.96 -12.39 1.41
CA LYS B 181 -5.32 -13.20 0.29
C LYS B 181 -4.54 -12.64 -0.88
N HIS B 182 -4.00 -13.62 -1.62
CA HIS B 182 -3.23 -13.47 -2.83
C HIS B 182 -1.96 -12.65 -2.78
N LYS B 183 -1.34 -12.68 -1.61
CA LYS B 183 -0.09 -11.98 -1.36
C LYS B 183 -0.21 -10.50 -1.62
N LEU B 184 -1.36 -9.95 -1.26
CA LEU B 184 -1.58 -8.50 -1.40
C LEU B 184 -1.92 -7.94 0.00
N PRO B 185 -1.57 -6.68 0.25
CA PRO B 185 -1.83 -6.03 1.54
C PRO B 185 -3.28 -6.20 1.97
N GLU B 186 -3.49 -6.31 3.28
CA GLU B 186 -4.84 -6.45 3.80
C GLU B 186 -4.82 -5.80 5.18
N GLY B 187 -5.50 -4.65 5.31
CA GLY B 187 -5.52 -3.97 6.60
C GLY B 187 -4.16 -3.33 6.90
N GLY B 188 -3.64 -3.53 8.11
CA GLY B 188 -2.36 -2.95 8.44
C GLY B 188 -2.49 -1.64 9.19
N GLU B 189 -1.50 -0.76 9.07
CA GLU B 189 -1.61 0.50 9.81
C GLU B 189 -0.80 1.55 9.12
N VAL B 190 -1.07 2.80 9.47
CA VAL B 190 -0.38 3.92 8.89
C VAL B 190 0.24 4.70 10.05
N ARG B 191 1.51 5.06 9.94
CA ARG B 191 2.14 5.82 11.01
C ARG B 191 3.22 6.70 10.45
N ARG B 192 3.53 7.75 11.19
CA ARG B 192 4.59 8.68 10.83
C ARG B 192 5.75 8.20 11.70
N VAL B 193 6.76 7.64 11.06
CA VAL B 193 7.94 7.04 11.72
C VAL B 193 8.85 7.97 12.52
N GLN B 194 9.12 7.59 13.77
CA GLN B 194 10.01 8.35 14.66
C GLN B 194 11.36 7.68 14.90
N LYS B 195 11.47 6.40 14.55
CA LYS B 195 12.74 5.70 14.76
C LYS B 195 12.93 4.64 13.69
N VAL B 196 14.16 4.61 13.17
CA VAL B 196 14.55 3.63 12.15
C VAL B 196 15.80 2.87 12.58
N GLN B 197 15.77 1.54 12.49
CA GLN B 197 16.93 0.72 12.82
C GLN B 197 17.15 -0.37 11.78
N THR B 198 18.41 -0.76 11.56
CA THR B 198 18.74 -1.86 10.66
C THR B 198 18.69 -3.09 11.55
N GLU B 199 18.64 -4.29 10.95
CA GLU B 199 18.64 -5.47 11.79
C GLU B 199 19.99 -5.58 12.52
N GLN B 200 21.07 -5.09 11.93
CA GLN B 200 22.36 -5.18 12.60
C GLN B 200 22.31 -4.49 13.97
N GLU B 201 21.71 -3.30 13.99
CA GLU B 201 21.58 -2.55 15.24
C GLU B 201 20.73 -3.33 16.24
N VAL B 202 19.62 -3.92 15.79
CA VAL B 202 18.76 -4.68 16.68
C VAL B 202 19.50 -5.93 17.25
N ALA B 203 20.27 -6.61 16.40
CA ALA B 203 21.02 -7.80 16.83
C ALA B 203 22.05 -7.39 17.91
N GLU B 204 22.81 -6.34 17.64
CA GLU B 204 23.81 -5.90 18.61
C GLU B 204 23.17 -5.49 19.96
N ALA B 205 22.01 -4.83 19.90
CA ALA B 205 21.28 -4.45 21.12
C ALA B 205 20.81 -5.69 21.90
N ALA B 206 20.66 -6.82 21.22
CA ALA B 206 20.25 -8.04 21.89
C ALA B 206 21.50 -8.83 22.33
N GLY B 207 22.69 -8.31 22.03
CA GLY B 207 23.92 -9.01 22.45
C GLY B 207 24.39 -10.10 21.50
N MET B 208 23.93 -10.06 20.27
CA MET B 208 24.34 -11.04 19.27
C MET B 208 25.27 -10.39 18.25
N ARG B 209 26.15 -11.20 17.66
CA ARG B 209 26.99 -10.71 16.59
C ARG B 209 26.07 -10.80 15.35
N TYR B 210 26.40 -10.09 14.28
CA TYR B 210 25.53 -10.02 13.10
C TYR B 210 26.29 -10.38 11.84
N PHE B 211 25.66 -11.16 10.97
CA PHE B 211 26.31 -11.50 9.72
C PHE B 211 25.21 -11.62 8.67
N ARG B 212 25.35 -10.86 7.60
CA ARG B 212 24.35 -10.84 6.55
C ARG B 212 24.71 -11.61 5.28
N ILE B 213 23.79 -12.46 4.82
CA ILE B 213 23.94 -13.18 3.54
C ILE B 213 22.65 -12.85 2.76
N ALA B 214 22.77 -12.10 1.67
CA ALA B 214 21.57 -11.69 0.91
C ALA B 214 21.06 -12.78 -0.05
N ALA B 215 20.28 -13.72 0.49
CA ALA B 215 19.74 -14.82 -0.30
C ALA B 215 18.31 -14.53 -0.74
N THR B 216 18.05 -14.81 -2.02
CA THR B 216 16.72 -14.54 -2.60
C THR B 216 15.71 -15.54 -2.08
N ASP B 217 14.57 -15.05 -1.64
CA ASP B 217 13.49 -15.90 -1.13
C ASP B 217 13.03 -16.94 -2.22
N HIS B 218 12.68 -18.16 -1.76
CA HIS B 218 12.15 -19.25 -2.59
C HIS B 218 13.11 -20.05 -3.45
N VAL B 219 14.36 -19.65 -3.55
CA VAL B 219 15.27 -20.33 -4.46
C VAL B 219 16.59 -20.73 -3.80
N TRP B 220 17.31 -21.59 -4.51
CA TRP B 220 18.59 -22.08 -4.02
C TRP B 220 19.57 -20.91 -3.85
N PRO B 221 20.26 -20.83 -2.69
CA PRO B 221 21.21 -19.72 -2.50
C PRO B 221 22.27 -19.78 -3.60
N THR B 222 22.69 -18.61 -4.07
CA THR B 222 23.66 -18.51 -5.19
C THR B 222 25.06 -18.95 -4.82
N PRO B 223 25.92 -19.17 -5.82
CA PRO B 223 27.29 -19.58 -5.48
C PRO B 223 27.97 -18.49 -4.65
N GLU B 224 27.65 -17.23 -4.96
CA GLU B 224 28.18 -16.07 -4.19
C GLU B 224 27.72 -16.17 -2.73
N ASN B 225 26.43 -16.41 -2.51
CA ASN B 225 25.92 -16.56 -1.14
C ASN B 225 26.63 -17.66 -0.40
N ILE B 226 26.81 -18.81 -1.06
CA ILE B 226 27.41 -19.93 -0.37
C ILE B 226 28.90 -19.74 -0.12
N ASP B 227 29.62 -19.20 -1.10
CA ASP B 227 31.07 -18.93 -0.91
C ASP B 227 31.22 -17.98 0.31
N ARG B 228 30.34 -16.99 0.39
CA ARG B 228 30.38 -16.04 1.51
C ARG B 228 30.13 -16.78 2.83
N PHE B 229 29.13 -17.66 2.86
CA PHE B 229 28.87 -18.38 4.10
C PHE B 229 30.05 -19.28 4.51
N LEU B 230 30.59 -20.03 3.56
CA LEU B 230 31.72 -20.93 3.88
C LEU B 230 32.95 -20.15 4.38
N ALA B 231 33.20 -18.98 3.82
CA ALA B 231 34.35 -18.17 4.24
C ALA B 231 34.13 -17.71 5.73
N PHE B 232 32.91 -17.32 6.03
CA PHE B 232 32.48 -16.90 7.37
C PHE B 232 32.60 -18.10 8.31
N TYR B 233 32.08 -19.23 7.89
CA TYR B 233 32.12 -20.44 8.72
C TYR B 233 33.54 -20.79 9.15
N ARG B 234 34.49 -20.62 8.23
N ARG B 234 34.50 -20.63 8.24
CA ARG B 234 35.89 -20.93 8.47
CA ARG B 234 35.90 -20.95 8.52
C ARG B 234 36.51 -20.08 9.58
C ARG B 234 36.49 -20.09 9.63
N THR B 235 35.98 -18.86 9.76
CA THR B 235 36.48 -17.92 10.78
C THR B 235 35.93 -18.12 12.20
N LEU B 236 34.89 -18.92 12.35
CA LEU B 236 34.27 -19.11 13.67
C LEU B 236 35.06 -19.84 14.74
N PRO B 237 34.99 -19.35 16.01
CA PRO B 237 35.71 -20.07 17.05
C PRO B 237 34.86 -21.29 17.29
N GLN B 238 35.45 -22.31 17.93
CA GLN B 238 34.76 -23.57 18.18
C GLN B 238 33.39 -23.47 18.85
N ASP B 239 33.21 -22.56 19.81
CA ASP B 239 31.95 -22.42 20.54
C ASP B 239 30.94 -21.42 19.97
N ALA B 240 31.16 -20.94 18.75
CA ALA B 240 30.21 -20.01 18.15
C ALA B 240 28.84 -20.69 18.00
N TRP B 241 27.76 -19.95 18.23
CA TRP B 241 26.43 -20.49 18.05
C TRP B 241 25.81 -19.67 16.91
N LEU B 242 25.27 -20.35 15.89
CA LEU B 242 24.68 -19.65 14.77
C LEU B 242 23.16 -19.71 14.77
N HIS B 243 22.53 -18.56 14.89
CA HIS B 243 21.09 -18.51 14.83
C HIS B 243 20.70 -17.97 13.43
N PHE B 244 20.25 -18.86 12.56
CA PHE B 244 19.91 -18.45 11.20
C PHE B 244 18.47 -18.00 11.15
N HIS B 245 18.17 -17.04 10.29
CA HIS B 245 16.77 -16.73 10.10
C HIS B 245 16.53 -16.16 8.71
N SER B 246 15.30 -16.29 8.25
CA SER B 246 14.87 -15.73 6.98
C SER B 246 13.49 -15.06 7.24
N GLU B 247 12.55 -15.06 6.30
CA GLU B 247 11.28 -14.38 6.62
C GLU B 247 10.43 -15.34 7.45
N ALA B 248 10.26 -16.57 6.98
CA ALA B 248 9.44 -17.57 7.70
C ALA B 248 10.27 -18.55 8.52
N GLY B 249 11.56 -18.66 8.21
CA GLY B 249 12.37 -19.62 8.93
C GLY B 249 12.20 -21.00 8.34
N VAL B 250 11.84 -21.06 7.06
CA VAL B 250 11.63 -22.31 6.36
C VAL B 250 12.67 -22.57 5.25
N GLY B 251 12.41 -22.08 4.04
CA GLY B 251 13.31 -22.31 2.92
C GLY B 251 14.80 -21.95 3.05
N ARG B 252 15.10 -20.67 3.24
CA ARG B 252 16.49 -20.30 3.33
C ARG B 252 17.13 -20.75 4.65
N THR B 253 16.40 -20.58 5.74
CA THR B 253 16.93 -20.95 7.03
C THR B 253 17.29 -22.43 7.05
N THR B 254 16.40 -23.29 6.55
CA THR B 254 16.75 -24.70 6.59
C THR B 254 17.92 -25.01 5.65
N ALA B 255 17.99 -24.35 4.50
CA ALA B 255 19.09 -24.65 3.56
C ALA B 255 20.44 -24.44 4.25
N PHE B 256 20.59 -23.32 4.95
CA PHE B 256 21.85 -23.05 5.64
C PHE B 256 22.07 -23.90 6.89
N MET B 257 20.99 -24.26 7.59
CA MET B 257 21.14 -25.15 8.73
C MET B 257 21.67 -26.46 8.19
N VAL B 258 21.09 -26.94 7.09
CA VAL B 258 21.53 -28.20 6.45
C VAL B 258 23.01 -28.14 6.06
N MET B 259 23.41 -27.04 5.40
CA MET B 259 24.78 -26.89 4.97
C MET B 259 25.74 -26.90 6.14
N THR B 260 25.34 -26.27 7.24
CA THR B 260 26.17 -26.23 8.44
C THR B 260 26.29 -27.64 9.04
N ASP B 261 25.18 -28.39 9.09
CA ASP B 261 25.22 -29.75 9.66
C ASP B 261 26.19 -30.60 8.81
N MET B 262 26.13 -30.47 7.48
CA MET B 262 27.01 -31.24 6.57
C MET B 262 28.47 -30.90 6.79
N LEU B 263 28.74 -29.61 6.88
CA LEU B 263 30.11 -29.15 7.11
C LEU B 263 30.69 -29.62 8.42
N LYS B 264 29.90 -29.50 9.48
CA LYS B 264 30.38 -29.85 10.82
C LYS B 264 30.33 -31.33 11.17
N ASN B 265 29.43 -32.06 10.53
CA ASN B 265 29.21 -33.49 10.77
C ASN B 265 29.28 -34.25 9.45
N PRO B 266 30.43 -34.14 8.76
CA PRO B 266 30.65 -34.78 7.47
C PRO B 266 30.52 -36.30 7.45
N SER B 267 30.59 -36.97 8.58
CA SER B 267 30.45 -38.43 8.54
C SER B 267 28.99 -38.90 8.60
N VAL B 268 28.07 -37.98 8.84
CA VAL B 268 26.64 -38.33 8.93
C VAL B 268 26.05 -38.49 7.51
N SER B 269 25.22 -39.49 7.27
CA SER B 269 24.65 -39.70 5.92
C SER B 269 23.78 -38.55 5.44
N LEU B 270 23.68 -38.38 4.12
CA LEU B 270 22.82 -37.33 3.58
C LEU B 270 21.39 -37.51 4.12
N LYS B 271 20.91 -38.74 4.09
CA LYS B 271 19.55 -39.01 4.55
C LYS B 271 19.34 -38.59 6.00
N ASP B 272 20.31 -38.90 6.87
CA ASP B 272 20.17 -38.53 8.27
C ASP B 272 20.16 -37.02 8.45
N ILE B 273 21.06 -36.32 7.75
CA ILE B 273 21.10 -34.85 7.85
C ILE B 273 19.74 -34.26 7.43
N LEU B 274 19.22 -34.71 6.28
CA LEU B 274 17.96 -34.17 5.76
C LEU B 274 16.76 -34.48 6.67
N TYR B 275 16.65 -35.71 7.15
CA TYR B 275 15.57 -36.10 8.07
C TYR B 275 15.65 -35.33 9.40
N ARG B 276 16.84 -35.29 10.01
CA ARG B 276 16.94 -34.61 11.29
C ARG B 276 16.72 -33.11 11.24
N GLN B 277 17.14 -32.44 10.16
CA GLN B 277 16.92 -31.00 10.11
C GLN B 277 15.43 -30.74 9.86
N HIS B 278 14.77 -31.66 9.19
CA HIS B 278 13.34 -31.52 8.97
C HIS B 278 12.63 -31.83 10.28
N GLU B 279 13.02 -32.92 10.92
CA GLU B 279 12.33 -33.33 12.16
C GLU B 279 12.50 -32.45 13.40
N ILE B 280 13.48 -31.53 13.42
CA ILE B 280 13.53 -30.60 14.56
C ILE B 280 12.69 -29.35 14.27
N GLY B 281 12.13 -29.28 13.05
CA GLY B 281 11.27 -28.17 12.70
C GLY B 281 11.60 -27.40 11.42
N GLY B 282 12.46 -27.95 10.57
CA GLY B 282 12.77 -27.26 9.33
C GLY B 282 12.10 -27.87 8.12
N PHE B 283 12.47 -27.37 6.95
CA PHE B 283 11.96 -27.87 5.66
C PHE B 283 12.66 -29.23 5.40
N TYR B 284 12.10 -30.04 4.51
CA TYR B 284 12.77 -31.31 4.17
C TYR B 284 13.39 -31.12 2.78
N TYR B 285 14.71 -31.17 2.72
CA TYR B 285 15.41 -30.94 1.48
C TYR B 285 15.78 -32.14 0.61
N GLY B 286 15.11 -33.27 0.85
CA GLY B 286 15.34 -34.45 0.03
C GLY B 286 14.23 -34.58 -1.00
N GLU B 287 14.25 -35.66 -1.76
CA GLU B 287 13.24 -35.91 -2.76
C GLU B 287 11.85 -36.11 -2.19
N PHE B 288 10.85 -35.49 -2.78
CA PHE B 288 9.47 -35.71 -2.34
C PHE B 288 8.53 -35.35 -3.51
N PRO B 289 7.32 -35.90 -3.52
CA PRO B 289 6.37 -35.60 -4.61
C PRO B 289 5.87 -34.18 -4.45
N ILE B 290 6.33 -33.31 -5.33
CA ILE B 290 5.98 -31.89 -5.30
C ILE B 290 4.63 -31.60 -5.90
N LYS B 291 3.82 -30.81 -5.20
CA LYS B 291 2.53 -30.42 -5.74
C LYS B 291 2.16 -29.07 -5.18
N THR B 292 1.90 -28.13 -6.07
CA THR B 292 1.55 -26.79 -5.64
C THR B 292 0.15 -26.43 -6.11
N LYS B 293 -0.40 -25.37 -5.52
CA LYS B 293 -1.70 -24.87 -5.94
C LYS B 293 -1.37 -24.28 -7.31
N ASP B 294 -2.35 -24.19 -8.20
CA ASP B 294 -2.10 -23.65 -9.53
C ASP B 294 -1.43 -22.28 -9.48
N LYS B 295 -1.86 -21.42 -8.55
CA LYS B 295 -1.25 -20.10 -8.44
C LYS B 295 0.22 -20.16 -8.00
N ASP B 296 0.67 -21.30 -7.46
CA ASP B 296 2.04 -21.43 -7.02
C ASP B 296 2.88 -22.34 -7.93
N SER B 297 2.42 -22.61 -9.15
CA SER B 297 3.12 -23.52 -10.04
C SER B 297 4.52 -23.04 -10.45
N TRP B 298 4.76 -21.74 -10.40
CA TRP B 298 6.08 -21.21 -10.72
C TRP B 298 7.13 -21.76 -9.73
N LYS B 299 6.70 -22.17 -8.55
CA LYS B 299 7.64 -22.71 -7.56
C LYS B 299 8.19 -24.11 -7.84
N THR B 300 7.45 -24.89 -8.62
CA THR B 300 7.85 -26.27 -8.87
C THR B 300 9.28 -26.53 -9.27
N LYS B 301 9.75 -25.86 -10.31
CA LYS B 301 11.12 -26.12 -10.74
C LYS B 301 12.17 -25.63 -9.73
N TYR B 302 11.84 -24.64 -8.90
CA TYR B 302 12.80 -24.12 -7.92
C TYR B 302 12.93 -25.13 -6.78
N TYR B 303 11.81 -25.78 -6.42
CA TYR B 303 11.90 -26.91 -5.47
C TYR B 303 12.81 -27.97 -6.08
N ARG B 304 12.51 -28.40 -7.29
CA ARG B 304 13.29 -29.46 -7.92
C ARG B 304 14.76 -29.05 -7.98
N GLU B 305 15.03 -27.77 -8.28
CA GLU B 305 16.40 -27.29 -8.34
C GLU B 305 17.05 -27.44 -6.94
N LYS B 306 16.32 -27.10 -5.88
CA LYS B 306 16.93 -27.22 -4.56
C LYS B 306 17.28 -28.67 -4.17
N ILE B 307 16.43 -29.61 -4.54
CA ILE B 307 16.72 -31.02 -4.23
C ILE B 307 18.04 -31.45 -4.87
N VAL B 308 18.22 -31.08 -6.14
CA VAL B 308 19.45 -31.42 -6.84
C VAL B 308 20.70 -30.70 -6.26
N MET B 309 20.55 -29.43 -5.90
CA MET B 309 21.69 -28.66 -5.40
C MET B 309 22.13 -29.09 -3.99
N ILE B 310 21.15 -29.48 -3.17
CA ILE B 310 21.43 -30.00 -1.84
C ILE B 310 22.35 -31.22 -1.97
N GLU B 311 22.07 -32.08 -2.94
CA GLU B 311 22.91 -33.28 -3.18
C GLU B 311 24.28 -32.86 -3.68
N GLN B 312 24.32 -31.85 -4.53
CA GLN B 312 25.57 -31.36 -5.07
C GLN B 312 26.43 -30.70 -3.98
N PHE B 313 25.82 -30.00 -3.02
CA PHE B 313 26.60 -29.37 -1.95
C PHE B 313 27.19 -30.48 -1.06
N TYR B 314 26.40 -31.52 -0.78
CA TYR B 314 26.87 -32.66 0.02
C TYR B 314 28.10 -33.27 -0.71
N ARG B 315 28.03 -33.40 -2.03
N ARG B 315 28.02 -33.39 -2.03
CA ARG B 315 29.15 -33.95 -2.79
CA ARG B 315 29.14 -33.94 -2.80
C ARG B 315 30.36 -33.03 -2.64
C ARG B 315 30.36 -33.04 -2.66
N TYR B 316 30.14 -31.72 -2.71
CA TYR B 316 31.23 -30.75 -2.56
C TYR B 316 31.93 -30.96 -1.19
N VAL B 317 31.13 -31.07 -0.14
CA VAL B 317 31.71 -31.25 1.19
C VAL B 317 32.51 -32.54 1.28
N GLN B 318 31.93 -33.63 0.79
CA GLN B 318 32.59 -34.91 0.84
C GLN B 318 33.89 -34.91 0.03
N GLU B 319 33.92 -34.25 -1.12
CA GLU B 319 35.15 -34.26 -1.93
C GLU B 319 36.25 -33.24 -1.59
N ASN B 320 35.90 -32.21 -0.82
CA ASN B 320 36.84 -31.15 -0.51
C ASN B 320 37.16 -30.97 0.96
N ARG B 321 36.52 -31.72 1.85
CA ARG B 321 36.85 -31.49 3.25
C ARG B 321 38.25 -32.00 3.58
N ALA B 322 38.69 -33.09 2.98
CA ALA B 322 40.01 -33.64 3.32
C ALA B 322 41.17 -32.69 3.14
N ASP B 323 41.12 -31.85 2.12
CA ASP B 323 42.23 -30.91 1.92
C ASP B 323 41.97 -29.53 2.52
N GLY B 324 40.91 -29.42 3.32
CA GLY B 324 40.61 -28.16 3.98
C GLY B 324 39.96 -27.13 3.11
N TYR B 325 39.22 -27.57 2.07
CA TYR B 325 38.53 -26.64 1.18
C TYR B 325 39.44 -25.63 0.49
N GLN B 326 40.49 -26.12 -0.17
CA GLN B 326 41.46 -25.30 -0.91
C GLN B 326 40.74 -24.59 -2.05
N THR B 327 39.69 -25.23 -2.57
CA THR B 327 38.90 -24.65 -3.69
C THR B 327 37.46 -24.36 -3.21
N PRO B 328 36.96 -23.15 -3.49
CA PRO B 328 35.61 -22.81 -3.05
C PRO B 328 34.49 -23.44 -3.85
N TRP B 329 33.32 -23.46 -3.23
CA TRP B 329 32.11 -23.99 -3.83
C TRP B 329 31.83 -23.46 -5.25
N SER B 330 31.86 -22.13 -5.47
CA SER B 330 31.55 -21.61 -6.82
C SER B 330 32.44 -22.24 -7.92
N VAL B 331 33.72 -22.38 -7.62
CA VAL B 331 34.69 -22.92 -8.56
C VAL B 331 34.46 -24.40 -8.81
N TRP B 332 34.32 -25.15 -7.74
CA TRP B 332 34.10 -26.59 -7.88
C TRP B 332 32.78 -26.85 -8.64
N LEU B 333 31.75 -26.05 -8.36
CA LEU B 333 30.44 -26.25 -9.02
C LEU B 333 30.52 -25.96 -10.51
N LYS B 334 31.37 -25.00 -10.91
CA LYS B 334 31.49 -24.73 -12.33
C LYS B 334 32.12 -25.90 -13.08
N SER B 335 33.03 -26.61 -12.44
CA SER B 335 33.67 -27.73 -13.12
C SER B 335 32.93 -29.06 -12.80
N HIS B 336 31.97 -29.02 -11.89
CA HIS B 336 31.17 -30.20 -11.54
C HIS B 336 29.72 -29.75 -11.53
N PRO B 337 29.20 -29.32 -12.70
CA PRO B 337 27.82 -28.84 -12.77
C PRO B 337 26.79 -29.87 -12.38
N ALA B 338 25.71 -29.42 -11.75
CA ALA B 338 24.64 -30.30 -11.32
C ALA B 338 23.74 -30.58 -12.54
N LYS B 339 23.06 -31.71 -12.52
CA LYS B 339 22.17 -32.03 -13.61
C LYS B 339 20.74 -32.14 -13.10
N ALA B 340 19.78 -31.76 -13.93
CA ALA B 340 18.37 -31.88 -13.55
C ALA B 340 18.05 -33.39 -13.41
C ACT C . -21.19 24.14 14.68
O ACT C . -22.13 23.63 15.28
OXT ACT C . -20.11 24.27 15.23
CH3 ACT C . -21.39 24.61 13.26
C ACT D . -0.68 8.97 10.19
O ACT D . -0.71 8.12 11.08
OXT ACT D . 0.30 9.70 10.09
CH3 ACT D . -1.84 9.13 9.24
C ACT E . -18.63 14.76 6.26
O ACT E . -18.25 13.58 6.34
OXT ACT E . -19.02 15.21 5.19
CH3 ACT E . -18.62 15.62 7.50
C1 GOL F . -19.49 14.66 -26.49
O1 GOL F . -19.77 13.65 -27.47
C2 GOL F . -18.89 15.92 -27.15
O2 GOL F . -19.80 16.49 -28.10
C3 GOL F . -18.58 16.98 -26.07
O3 GOL F . -18.03 18.18 -26.68
C1 GOL G . -24.27 11.22 6.46
O1 GOL G . -24.67 10.68 5.20
C2 GOL G . -25.29 10.82 7.49
O2 GOL G . -25.34 9.38 7.53
C3 GOL G . -24.89 11.38 8.86
O3 GOL G . -25.87 11.01 9.85
C1 GOL H . -24.20 28.72 -17.08
O1 GOL H . -25.02 28.14 -16.04
C2 GOL H . -24.59 30.19 -17.31
O2 GOL H . -25.96 30.21 -17.72
C3 GOL H . -24.41 31.01 -16.02
O3 GOL H . -24.77 32.39 -16.22
C1 GOL I . -17.41 1.95 -8.69
O1 GOL I . -16.07 1.54 -8.36
C2 GOL I . -17.95 3.01 -7.70
O2 GOL I . -18.01 2.46 -6.38
C3 GOL I . -17.08 4.28 -7.67
O3 GOL I . -17.63 5.24 -6.74
C1 4IP J . -17.60 12.12 0.04
C1 4IP J . -17.58 9.18 0.05
O1 4IP J . -18.14 12.51 -1.15
O1 4IP J . -16.50 8.20 0.05
C2 4IP J . -16.61 10.86 -0.14
C2 4IP J . -17.05 10.63 -0.29
O2 4IP J . -17.25 9.84 -0.92
O2 4IP J . -15.96 11.03 0.60
C3 4IP J . -16.24 10.26 1.23
C3 4IP J . -18.23 11.66 -0.23
O3 4IP J . -15.47 9.03 1.09
O3 4IP J . -17.79 13.01 -0.52
C4 4IP J . -17.48 9.94 2.09
C4 4IP J . -18.92 11.58 1.17
O4 4IP J . -17.04 9.58 3.41
O4 4IP J . -19.85 12.61 1.43
C5 4IP J . -18.41 11.17 2.23
C5 4IP J . -19.47 10.15 1.44
O5 4IP J . -19.54 10.82 3.00
O5 4IP J . -20.12 10.00 2.74
C6 4IP J . -18.85 11.70 0.87
C6 4IP J . -18.34 9.14 1.42
O6 4IP J . -19.72 12.92 1.05
O6 4IP J . -18.89 7.85 1.70
P1 4IP J . -17.47 13.43 -2.21
P1 4IP J . -16.79 6.70 -0.47
O1P 4IP J . -16.15 12.81 -2.65
O1P 4IP J . -15.61 5.83 -0.10
O2P 4IP J . -18.45 13.49 -3.39
O2P 4IP J . -18.07 6.14 0.11
O3P 4IP J . -17.27 14.81 -1.66
O3P 4IP J . -16.93 6.73 -1.98
P3 4IP J . -13.82 9.04 0.90
P3 4IP J . -17.22 13.46 -1.97
O4P 4IP J . -13.35 7.59 0.99
O4P 4IP J . -15.92 12.72 -2.25
O5P 4IP J . -13.38 9.70 -0.41
O5P 4IP J . -18.23 13.16 -3.05
O6P 4IP J . -13.19 9.78 2.07
O6P 4IP J . -16.94 14.95 -1.94
P4 4IP J . -17.11 7.99 3.90
P4 4IP J . -19.49 13.64 2.66
O7P 4IP J . -16.25 7.87 5.15
O7P 4IP J . -19.18 15.02 2.11
O8P 4IP J . -18.56 7.58 4.18
O8P 4IP J . -20.71 13.77 3.56
O9P 4IP J . -16.55 7.10 2.79
O9P 4IP J . -18.30 13.14 3.46
P5 4IP J . -19.47 11.05 4.66
P5 4IP J . -21.63 10.20 2.97
OPF 4IP J . -20.32 12.31 4.86
OPF 4IP J . -22.41 9.53 1.83
OPG 4IP J . -18.06 11.31 5.13
OPG 4IP J . -21.98 11.68 3.02
OPH 4IP J . -20.03 9.84 5.41
OPH 4IP J . -22.01 9.56 4.30
CL CL K . -5.54 28.58 -3.05
C ACT L . 15.28 -29.58 -12.51
O ACT L . 16.18 -29.36 -11.66
OXT ACT L . 14.63 -30.62 -12.47
CH3 ACT L . 14.98 -28.57 -13.59
C ACT M . 10.12 -22.47 -3.26
O ACT M . 9.08 -21.81 -3.16
OXT ACT M . 10.83 -22.67 -2.27
CH3 ACT M . 10.52 -23.02 -4.59
C1 GOL N . 4.90 -28.23 -2.49
O1 GOL N . 4.72 -29.63 -2.16
C2 GOL N . 5.07 -27.37 -1.23
O2 GOL N . 3.92 -27.47 -0.40
C3 GOL N . 6.28 -27.80 -0.42
O3 GOL N . 6.37 -26.96 0.75
C1 GOL O . 22.13 -12.80 25.66
O1 GOL O . 21.50 -12.54 26.93
C2 GOL O . 23.59 -12.28 25.65
O2 GOL O . 24.34 -12.94 26.69
C3 GOL O . 24.26 -12.57 24.27
O3 GOL O . 25.65 -12.06 24.24
C1 GOL P . 3.71 -13.85 13.46
O1 GOL P . 3.32 -12.65 12.74
C2 GOL P . 4.26 -14.93 12.51
O2 GOL P . 3.25 -15.34 11.58
C3 GOL P . 5.50 -14.42 11.72
O3 GOL P . 6.00 -15.46 10.85
C1 GOL Q . 30.90 -23.25 14.97
O1 GOL Q . 29.91 -24.23 14.60
C2 GOL Q . 32.31 -23.82 14.82
O2 GOL Q . 32.47 -24.98 15.70
C3 GOL Q . 32.57 -24.24 13.37
O3 GOL Q . 33.91 -24.77 13.27
C1 4IP R . 9.95 -18.90 2.65
C1 4IP R . 7.27 -18.41 3.72
O1 4IP R . 10.79 -19.09 3.78
O1 4IP R . 6.49 -17.16 3.65
C2 4IP R . 8.89 -17.73 2.94
C2 4IP R . 8.78 -18.16 3.24
O2 4IP R . 8.15 -18.01 4.13
O2 4IP R . 8.86 -17.52 1.94
C3 4IP R . 7.85 -17.69 1.82
C3 4IP R . 9.57 -19.51 3.22
O3 4IP R . 6.86 -16.67 2.04
O3 4IP R . 10.97 -19.30 2.79
C4 4IP R . 7.14 -19.04 1.64
C4 4IP R . 8.82 -20.56 2.33
O4 4IP R . 6.42 -18.91 0.44
O4 4IP R . 9.51 -21.72 2.02
C5 4IP R . 8.16 -20.16 1.40
C5 4IP R . 7.39 -20.83 2.86
O5 4IP R . 7.54 -21.40 1.16
O5 4IP R . 6.66 -21.84 2.03
C6 4IP R . 9.19 -20.26 2.50
C6 4IP R . 6.57 -19.54 2.86
O6 4IP R . 10.12 -21.27 2.15
O6 4IP R . 5.32 -19.87 3.39
P1 4IP R . 12.03 -18.31 4.14
P1 4IP R . 5.13 -16.89 4.54
O1P 4IP R . 11.77 -16.80 4.14
O1P 4IP R . 4.45 -15.62 4.06
O2P 4IP R . 12.39 -18.77 5.54
O2P 4IP R . 4.15 -18.04 4.44
O3P 4IP R . 13.16 -18.62 3.15
O3P 4IP R . 5.53 -16.72 6.00
P3 4IP R . 7.09 -15.08 1.54
P3 4IP R . 12.01 -18.47 3.71
O4P 4IP R . 5.72 -14.45 1.51
O4P 4IP R . 11.58 -17.02 3.83
O5P 4IP R . 8.06 -14.35 2.47
O5P 4IP R . 12.05 -19.09 5.10
O6P 4IP R . 7.63 -15.05 0.13
O6P 4IP R . 13.40 -18.53 3.09
P4 4IP R . 4.82 -18.95 0.32
P4 4IP R . 10.12 -21.90 0.55
O7P 4IP R . 4.48 -18.58 -1.11
O7P 4IP R . 11.55 -21.41 0.51
O8P 4IP R . 4.33 -20.36 0.70
O8P 4IP R . 10.13 -23.38 0.22
O9P 4IP R . 4.21 -17.96 1.31
O9P 4IP R . 9.29 -21.12 -0.47
P5 4IP R . 7.20 -21.85 -0.42
P5 4IP R . 6.75 -23.46 2.13
OPF 4IP R . 8.19 -23.00 -0.69
OPF 4IP R . 6.35 -23.87 3.54
OPG 4IP R . 7.40 -20.73 -1.42
OPG 4IP R . 8.13 -23.97 1.85
OPH 4IP R . 5.76 -22.37 -0.52
OPH 4IP R . 5.79 -24.07 1.13
#